data_3WFC
#
_entry.id   3WFC
#
_cell.length_a   90.672
_cell.length_b   107.072
_cell.length_c   196.922
_cell.angle_alpha   90.000
_cell.angle_beta   90.000
_cell.angle_gamma   90.000
#
_symmetry.space_group_name_H-M   'P 21 21 21'
#
loop_
_entity.id
_entity.type
_entity.pdbx_description
1 polymer 'antibody fab fragment light chain'
2 polymer 'antibody fab fragment heavy chain'
3 polymer 'Nitric oxide reductase subunit B'
4 polymer 'Nitric oxide reductase subunit C'
5 non-polymer 'PROTOPORPHYRIN IX CONTAINING FE'
6 non-polymer 'FE (III) ION'
7 non-polymer 'CARBON MONOXIDE'
8 non-polymer 'decyl 4-O-alpha-D-glucopyranosyl-1-thio-beta-D-glucopyranoside'
9 non-polymer 'CALCIUM ION'
10 non-polymer 'HEME C'
11 water water
#
loop_
_entity_poly.entity_id
_entity_poly.type
_entity_poly.pdbx_seq_one_letter_code
_entity_poly.pdbx_strand_id
1 'polypeptide(L)'
;DIQMTQSPPYLAASPGETITINCRASKSIRKYLAWYQEKPGKTNKLLIYSGSTLQFGIPSRFSGSGSGTEFTLTISSLEP
EDFAMYYCQQHNEYPLTFGAGTKLELKRADAAPTVSIFPPSSEQLTSGGASVVCFLNNFYPKDINVKWKIDGSERQNGVL
NSWTDQDSKDSTYSMSSTLTLTKDEYERHNSYTCEATHKTSTSPIVKSFNRNE
;
L
2 'polypeptide(L)'
;EVQLQQSGTVLARPGASVKMSCKASGYSFTSYWMHWVKQRPGQGLEWIGAVYPGNSDTSYNQKFKGKAKLTAVTSASTAY
MELSSLTNEDSAVYYCSRSSLDGYYVKNWCFDVWGQGTTVTVSSAKTTAPSVYPLAPVCGDTTGSSVTLGCLVKGYFPEP
VTLTWNSGSLSSGVHTFPAVLQSDLYTLSSSVTVTSSTRPSQSITCNVAHPASSTKVDKKIEPRG
;
H
3 'polypeptide(L)'
;MMSPNGSLKFASQAVAKPYFVFALILFVGQILFGLIMGLQYVVGDFLFPAIPFNVARMVHTNLLIVWLLFGFMGAAYYLV
PEESDCELYSPKLAWILFWVFAAAGVLTILGYLLVPYAGLARLTGNELWPTMGREFLEQPTISKAGIVIVALGFLFNVGM
TVLRGRKTAISMVLMTGLIGLALLFLFSFYNPENLTRDKFYWWWVVHLWVEGVWELIMGAILAFVLVKITGVDREVIEKW
LYVIIAMALISGIIGTGHHYFWIGVPGYWLWLGSVFSALEPLPFFAMVLFAFNTINRRRRDYPNRAVALWAMGTTVMAFL
GAGVWGFMHTLAPVNYYTHGTQLTAAHGHMAFYGAYAMIVMTIISYAMPRLRGIGEAMDNRSQVLEMWGFWLMTVAMVFI
TLFLSAAGVLQVWLQRMPADGAAMTFMATQDQLAIFYWLREGAGVVFLIGLVAYLLSFRRGKAAA
;
B
4 'polypeptide(L)'
;MSETFTKGMARNIYFGGSVFFILLFLALTYHTEKTLPERTNEAAMSAAVVRGKLVWEQNNCVGCHTLLGEGAYFAPELGN
VVGRRGGEEGFNTFLQAWMKIQPLNVPGRRAMPQFHLSEGQVDDLAEFLKWSSKIDTNQWPPNKEG
;
C
#
# COMPACT_ATOMS: atom_id res chain seq x y z
N ASP A 1 -20.59 -20.93 -2.08
CA ASP A 1 -20.30 -19.90 -3.12
C ASP A 1 -21.43 -18.92 -3.11
N ILE A 2 -21.10 -17.67 -3.28
CA ILE A 2 -22.18 -16.71 -3.40
C ILE A 2 -22.44 -16.51 -4.89
N GLN A 3 -23.71 -16.61 -5.32
CA GLN A 3 -24.03 -16.42 -6.75
C GLN A 3 -24.60 -15.04 -7.00
N MET A 4 -24.43 -14.56 -8.24
CA MET A 4 -24.73 -13.20 -8.60
C MET A 4 -25.56 -13.04 -9.81
N THR A 5 -26.62 -12.28 -9.67
CA THR A 5 -27.59 -12.12 -10.74
C THR A 5 -27.56 -10.67 -11.10
N GLN A 6 -27.20 -10.38 -12.34
CA GLN A 6 -27.32 -9.02 -12.84
C GLN A 6 -28.60 -8.89 -13.62
N SER A 7 -29.22 -7.74 -13.53
CA SER A 7 -30.35 -7.40 -14.39
C SER A 7 -30.33 -5.91 -14.73
N PRO A 8 -30.87 -5.55 -15.89
CA PRO A 8 -31.39 -6.49 -16.90
C PRO A 8 -30.24 -7.12 -17.70
N PRO A 9 -30.53 -8.15 -18.52
CA PRO A 9 -29.38 -8.65 -19.31
C PRO A 9 -29.01 -7.71 -20.48
N TYR A 10 -29.97 -6.95 -21.01
CA TYR A 10 -29.74 -6.00 -22.12
C TYR A 10 -30.48 -4.78 -21.76
N LEU A 11 -29.95 -3.63 -22.15
CA LEU A 11 -30.59 -2.39 -21.91
C LEU A 11 -30.22 -1.53 -23.08
N ALA A 12 -31.23 -0.97 -23.74
CA ALA A 12 -31.03 -0.01 -24.82
C ALA A 12 -31.17 1.39 -24.26
N ALA A 13 -30.28 2.30 -24.65
CA ALA A 13 -30.40 3.68 -24.23
C ALA A 13 -29.70 4.60 -25.21
N SER A 14 -29.80 5.90 -24.95
CA SER A 14 -29.31 6.90 -25.88
C SER A 14 -28.27 7.80 -25.20
N PRO A 15 -27.43 8.49 -25.99
CA PRO A 15 -26.47 9.43 -25.40
C PRO A 15 -27.14 10.57 -24.63
N GLY A 16 -26.62 10.89 -23.44
CA GLY A 16 -27.12 12.01 -22.67
C GLY A 16 -28.12 11.59 -21.62
N GLU A 17 -28.59 10.34 -21.66
CA GLU A 17 -29.57 9.82 -20.74
C GLU A 17 -28.84 9.19 -19.58
N THR A 18 -29.57 8.88 -18.52
CA THR A 18 -29.07 8.20 -17.34
C THR A 18 -29.66 6.81 -17.28
N ILE A 19 -28.81 5.80 -17.01
CA ILE A 19 -29.31 4.48 -16.74
C ILE A 19 -28.82 4.02 -15.40
N THR A 20 -29.50 3.03 -14.84
CA THR A 20 -28.99 2.35 -13.69
C THR A 20 -29.19 0.82 -13.79
N ILE A 21 -28.19 0.01 -13.45
CA ILE A 21 -28.31 -1.45 -13.58
C ILE A 21 -28.10 -2.14 -12.25
N ASN A 22 -28.58 -3.37 -12.12
CA ASN A 22 -28.66 -4.00 -10.81
C ASN A 22 -27.74 -5.17 -10.63
N CYS A 23 -27.37 -5.43 -9.40
CA CYS A 23 -26.63 -6.62 -9.10
C CYS A 23 -27.18 -7.16 -7.80
N ARG A 24 -27.53 -8.44 -7.76
CA ARG A 24 -27.97 -9.09 -6.53
C ARG A 24 -27.06 -10.25 -6.17
N ALA A 25 -26.84 -10.43 -4.88
CA ALA A 25 -25.98 -11.50 -4.39
C ALA A 25 -26.85 -12.51 -3.59
N SER A 26 -26.58 -13.80 -3.73
CA SER A 26 -27.39 -14.84 -3.08
C SER A 26 -27.27 -14.80 -1.55
N LYS A 27 -26.19 -14.23 -1.01
CA LYS A 27 -26.11 -13.94 0.42
C LYS A 27 -25.35 -12.64 0.67
N SER A 28 -25.27 -12.18 1.90
CA SER A 28 -24.66 -10.90 2.13
C SER A 28 -23.18 -10.88 1.74
N ILE A 29 -22.79 -9.88 0.97
CA ILE A 29 -21.38 -9.63 0.64
C ILE A 29 -20.91 -8.32 1.29
N ARG A 30 -21.54 -7.96 2.39
CA ARG A 30 -21.28 -6.67 3.06
C ARG A 30 -21.23 -5.53 2.02
N LYS A 31 -20.13 -4.80 1.87
CA LYS A 31 -20.14 -3.71 0.91
C LYS A 31 -19.28 -4.01 -0.32
N TYR A 32 -18.77 -5.25 -0.41
CA TYR A 32 -17.66 -5.54 -1.32
C TYR A 32 -18.07 -6.01 -2.70
N LEU A 33 -18.37 -5.06 -3.56
CA LEU A 33 -18.79 -5.37 -4.90
C LEU A 33 -18.09 -4.45 -5.89
N ALA A 34 -17.46 -5.04 -6.92
CA ALA A 34 -16.78 -4.28 -7.95
C ALA A 34 -17.52 -4.38 -9.30
N TRP A 35 -17.22 -3.43 -10.19
CA TRP A 35 -17.78 -3.42 -11.54
C TRP A 35 -16.68 -3.28 -12.58
N TYR A 36 -16.80 -4.04 -13.66
CA TYR A 36 -15.88 -3.99 -14.76
C TYR A 36 -16.64 -3.60 -16.00
N GLN A 37 -15.95 -2.90 -16.89
CA GLN A 37 -16.42 -2.59 -18.22
C GLN A 37 -15.68 -3.46 -19.25
N GLU A 38 -16.43 -4.11 -20.15
CA GLU A 38 -15.79 -4.93 -21.19
C GLU A 38 -16.11 -4.37 -22.56
N LYS A 39 -15.09 -4.14 -23.35
CA LYS A 39 -15.28 -3.68 -24.73
C LYS A 39 -14.40 -4.50 -25.69
N PRO A 40 -14.87 -4.70 -26.93
CA PRO A 40 -14.08 -5.50 -27.88
C PRO A 40 -12.73 -4.85 -28.23
N GLY A 41 -11.67 -5.66 -28.31
CA GLY A 41 -10.31 -5.18 -28.50
C GLY A 41 -9.70 -4.34 -27.36
N LYS A 42 -10.18 -4.47 -26.12
CA LYS A 42 -9.59 -3.68 -25.03
C LYS A 42 -9.58 -4.59 -23.84
N THR A 43 -8.67 -4.41 -22.92
CA THR A 43 -8.70 -5.22 -21.70
C THR A 43 -9.75 -4.69 -20.70
N ASN A 44 -10.36 -5.58 -19.93
CA ASN A 44 -11.34 -5.21 -18.90
C ASN A 44 -10.84 -4.15 -17.92
N LYS A 45 -11.74 -3.22 -17.62
CA LYS A 45 -11.43 -1.98 -16.93
C LYS A 45 -12.27 -1.91 -15.64
N LEU A 46 -11.58 -1.88 -14.49
CA LEU A 46 -12.21 -1.71 -13.19
C LEU A 46 -12.84 -0.32 -13.11
N LEU A 47 -14.12 -0.25 -12.67
CA LEU A 47 -14.85 1.02 -12.62
C LEU A 47 -15.03 1.48 -11.18
N ILE A 48 -15.55 0.58 -10.34
CA ILE A 48 -16.00 0.86 -8.99
C ILE A 48 -15.58 -0.35 -8.18
N TYR A 49 -15.19 -0.15 -6.92
CA TYR A 49 -15.05 -1.28 -5.97
C TYR A 49 -15.61 -0.88 -4.64
N SER A 50 -15.74 -1.87 -3.77
CA SER A 50 -16.30 -1.60 -2.45
C SER A 50 -17.61 -0.86 -2.58
N GLY A 51 -18.36 -1.16 -3.63
CA GLY A 51 -19.74 -0.70 -3.71
C GLY A 51 -19.87 0.67 -4.32
N SER A 52 -19.03 1.60 -3.87
CA SER A 52 -19.19 2.96 -4.35
C SER A 52 -17.91 3.73 -4.56
N THR A 53 -16.75 3.07 -4.38
CA THR A 53 -15.50 3.78 -4.55
C THR A 53 -15.15 3.77 -6.03
N LEU A 54 -15.00 4.97 -6.58
CA LEU A 54 -14.55 5.14 -7.95
C LEU A 54 -13.09 4.77 -8.07
N GLN A 55 -12.73 4.07 -9.13
CA GLN A 55 -11.36 3.69 -9.36
C GLN A 55 -10.61 4.90 -9.95
N PHE A 56 -9.32 5.04 -9.60
CA PHE A 56 -8.50 6.15 -10.14
C PHE A 56 -8.68 6.32 -11.65
N GLY A 57 -8.89 7.55 -12.08
CA GLY A 57 -9.02 7.84 -13.48
C GLY A 57 -10.40 7.68 -14.08
N ILE A 58 -11.32 7.06 -13.34
CA ILE A 58 -12.66 6.83 -13.92
C ILE A 58 -13.57 8.07 -13.78
N PRO A 59 -14.19 8.52 -14.89
CA PRO A 59 -14.99 9.78 -14.76
C PRO A 59 -16.15 9.72 -13.76
N SER A 60 -16.45 10.86 -13.15
CA SER A 60 -17.42 10.91 -12.06
C SER A 60 -18.88 10.68 -12.54
N ARG A 61 -19.10 10.60 -13.83
CA ARG A 61 -20.45 10.21 -14.30
C ARG A 61 -20.83 8.75 -13.91
N PHE A 62 -19.86 7.91 -13.51
CA PHE A 62 -20.14 6.59 -12.99
C PHE A 62 -20.27 6.70 -11.50
N SER A 63 -21.19 5.92 -10.91
CA SER A 63 -21.34 5.83 -9.46
C SER A 63 -22.02 4.52 -9.16
N GLY A 64 -21.99 4.10 -7.90
CA GLY A 64 -22.62 2.85 -7.56
C GLY A 64 -22.92 2.95 -6.08
N SER A 65 -23.81 2.07 -5.60
CA SER A 65 -24.13 1.96 -4.18
C SER A 65 -24.78 0.63 -3.91
N GLY A 66 -25.07 0.36 -2.65
CA GLY A 66 -25.54 -0.92 -2.20
C GLY A 66 -24.78 -1.42 -1.00
N SER A 67 -25.38 -2.39 -0.32
CA SER A 67 -24.66 -3.21 0.67
C SER A 67 -25.50 -4.46 0.93
N GLY A 68 -24.91 -5.44 1.60
CA GLY A 68 -25.54 -6.72 1.86
C GLY A 68 -25.73 -7.53 0.59
N THR A 69 -26.82 -7.25 -0.10
CA THR A 69 -27.40 -8.17 -1.07
C THR A 69 -27.77 -7.51 -2.39
N GLU A 70 -28.03 -6.20 -2.38
CA GLU A 70 -28.49 -5.41 -3.53
C GLU A 70 -27.57 -4.22 -3.86
N PHE A 71 -27.20 -4.11 -5.13
CA PHE A 71 -26.21 -3.13 -5.52
C PHE A 71 -26.66 -2.59 -6.87
N THR A 72 -26.30 -1.35 -7.16
CA THR A 72 -26.63 -0.77 -8.44
C THR A 72 -25.40 -0.04 -8.99
N LEU A 73 -25.39 0.15 -10.30
CA LEU A 73 -24.46 1.01 -10.94
C LEU A 73 -25.27 1.99 -11.79
N THR A 74 -24.92 3.26 -11.69
CA THR A 74 -25.54 4.30 -12.44
C THR A 74 -24.50 4.97 -13.30
N ILE A 75 -24.86 5.30 -14.54
CA ILE A 75 -24.11 6.22 -15.38
C ILE A 75 -25.00 7.43 -15.59
N SER A 76 -24.47 8.61 -15.31
CA SER A 76 -25.31 9.79 -15.24
C SER A 76 -25.72 10.39 -16.57
N SER A 77 -24.77 10.51 -17.50
CA SER A 77 -25.17 11.07 -18.79
C SER A 77 -24.43 10.30 -19.88
N LEU A 78 -25.02 9.21 -20.36
CA LEU A 78 -24.29 8.29 -21.23
C LEU A 78 -23.49 8.96 -22.32
N GLU A 79 -22.29 8.49 -22.45
CA GLU A 79 -21.46 8.94 -23.52
C GLU A 79 -21.22 7.76 -24.49
N PRO A 80 -20.92 8.07 -25.76
CA PRO A 80 -20.80 7.02 -26.83
C PRO A 80 -19.90 5.86 -26.45
N GLU A 81 -18.86 6.12 -25.68
CA GLU A 81 -17.94 5.10 -25.28
C GLU A 81 -18.44 4.25 -24.13
N ASP A 82 -19.63 4.54 -23.60
CA ASP A 82 -20.16 3.81 -22.44
C ASP A 82 -21.00 2.57 -22.84
N PHE A 83 -21.31 2.45 -24.13
CA PHE A 83 -22.07 1.31 -24.62
C PHE A 83 -21.11 0.18 -24.73
N ALA A 84 -21.35 -0.83 -23.91
CA ALA A 84 -20.30 -1.78 -23.51
C ALA A 84 -20.97 -2.87 -22.70
N MET A 85 -20.22 -3.91 -22.31
CA MET A 85 -20.69 -4.95 -21.38
C MET A 85 -20.26 -4.66 -19.92
N TYR A 86 -21.11 -4.86 -18.93
CA TYR A 86 -20.76 -4.54 -17.55
C TYR A 86 -20.86 -5.78 -16.67
N TYR A 87 -19.84 -6.09 -15.88
CA TYR A 87 -19.93 -7.22 -14.97
C TYR A 87 -19.73 -6.77 -13.55
N CYS A 88 -20.43 -7.39 -12.63
CA CYS A 88 -20.13 -7.14 -11.22
C CYS A 88 -19.38 -8.37 -10.67
N GLN A 89 -18.64 -8.16 -9.59
CA GLN A 89 -17.93 -9.21 -8.91
C GLN A 89 -17.95 -8.93 -7.41
N GLN A 90 -18.36 -9.91 -6.60
CA GLN A 90 -18.22 -9.80 -5.15
C GLN A 90 -16.76 -10.00 -4.75
N HIS A 91 -16.28 -9.19 -3.79
CA HIS A 91 -14.94 -9.36 -3.29
C HIS A 91 -14.90 -9.43 -1.75
N ASN A 92 -15.79 -10.25 -1.20
CA ASN A 92 -15.96 -10.42 0.21
C ASN A 92 -15.47 -11.77 0.71
N GLU A 93 -15.39 -12.76 -0.17
CA GLU A 93 -15.22 -14.18 0.22
C GLU A 93 -14.62 -15.00 -0.88
N TYR A 94 -13.89 -15.99 -0.43
CA TYR A 94 -13.45 -17.09 -1.25
C TYR A 94 -14.65 -17.99 -1.50
N PRO A 95 -14.86 -18.46 -2.75
CA PRO A 95 -14.09 -18.08 -3.95
C PRO A 95 -14.70 -16.85 -4.61
N LEU A 96 -13.90 -16.01 -5.22
CA LEU A 96 -14.42 -14.87 -5.96
C LEU A 96 -15.44 -15.34 -7.02
N THR A 97 -16.56 -14.62 -7.16
CA THR A 97 -17.57 -14.94 -8.18
C THR A 97 -18.10 -13.67 -8.87
N PHE A 98 -18.68 -13.83 -10.06
CA PHE A 98 -19.02 -12.70 -10.93
C PHE A 98 -20.46 -12.82 -11.38
N GLY A 99 -21.07 -11.70 -11.74
CA GLY A 99 -22.37 -11.75 -12.39
C GLY A 99 -22.11 -12.10 -13.85
N ALA A 100 -23.17 -12.41 -14.61
CA ALA A 100 -23.04 -12.75 -16.03
C ALA A 100 -23.14 -11.53 -16.93
N GLY A 101 -23.38 -10.35 -16.40
CA GLY A 101 -23.34 -9.21 -17.29
C GLY A 101 -24.65 -8.59 -17.69
N THR A 102 -24.56 -7.28 -17.93
CA THR A 102 -25.57 -6.48 -18.56
C THR A 102 -24.90 -5.81 -19.75
N LYS A 103 -25.49 -5.96 -20.93
CA LYS A 103 -24.98 -5.35 -22.14
C LYS A 103 -25.74 -4.05 -22.40
N LEU A 104 -25.02 -2.94 -22.44
CA LEU A 104 -25.65 -1.65 -22.65
C LEU A 104 -25.53 -1.33 -24.14
N GLU A 105 -26.68 -1.23 -24.80
CA GLU A 105 -26.74 -1.09 -26.26
C GLU A 105 -27.22 0.30 -26.65
N LEU A 106 -26.78 0.73 -27.82
CA LEU A 106 -27.15 2.00 -28.42
C LEU A 106 -28.56 1.90 -29.07
N LYS A 107 -29.50 2.70 -28.59
CA LYS A 107 -30.85 2.75 -29.16
C LYS A 107 -30.73 3.55 -30.45
N ARG A 108 -31.45 3.13 -31.47
CA ARG A 108 -31.56 3.88 -32.71
C ARG A 108 -32.96 3.61 -33.22
N ALA A 109 -33.30 4.16 -34.37
CA ALA A 109 -34.65 4.05 -34.92
C ALA A 109 -34.90 2.60 -35.44
N ASP A 110 -36.10 2.07 -35.23
CA ASP A 110 -36.48 0.77 -35.82
C ASP A 110 -36.17 0.70 -37.33
N ALA A 111 -35.62 -0.42 -37.78
CA ALA A 111 -35.42 -0.64 -39.19
C ALA A 111 -35.68 -2.11 -39.54
N ALA A 112 -36.35 -2.33 -40.68
CA ALA A 112 -36.73 -3.68 -41.09
C ALA A 112 -35.48 -4.32 -41.77
N PRO A 113 -35.33 -5.66 -41.68
CA PRO A 113 -34.17 -6.26 -42.37
C PRO A 113 -34.30 -6.19 -43.89
N THR A 114 -33.19 -6.09 -44.60
CA THR A 114 -33.12 -6.36 -46.01
C THR A 114 -32.81 -7.86 -46.19
N VAL A 115 -33.66 -8.59 -46.91
CA VAL A 115 -33.53 -10.03 -47.03
C VAL A 115 -33.14 -10.42 -48.45
N SER A 116 -32.13 -11.27 -48.55
CA SER A 116 -31.68 -11.89 -49.80
C SER A 116 -31.56 -13.42 -49.61
N ILE A 117 -31.88 -14.17 -50.64
CA ILE A 117 -31.80 -15.64 -50.57
C ILE A 117 -30.89 -16.08 -51.72
N PHE A 118 -30.10 -17.11 -51.48
CA PHE A 118 -29.17 -17.56 -52.53
C PHE A 118 -29.22 -19.05 -52.70
N PRO A 119 -29.58 -19.52 -53.89
CA PRO A 119 -29.50 -20.94 -54.20
C PRO A 119 -28.08 -21.53 -53.99
N PRO A 120 -27.98 -22.86 -53.86
CA PRO A 120 -26.63 -23.44 -53.84
C PRO A 120 -25.87 -23.01 -55.09
N SER A 121 -24.60 -22.67 -54.97
CA SER A 121 -23.72 -22.47 -56.16
C SER A 121 -23.51 -23.79 -56.92
N SER A 122 -23.22 -23.73 -58.21
CA SER A 122 -23.01 -24.95 -58.99
C SER A 122 -21.77 -25.69 -58.51
N GLU A 123 -20.73 -24.97 -58.08
CA GLU A 123 -19.55 -25.61 -57.49
C GLU A 123 -19.90 -26.54 -56.32
N GLN A 124 -20.74 -26.06 -55.39
CA GLN A 124 -21.10 -26.89 -54.23
C GLN A 124 -21.93 -28.08 -54.68
N LEU A 125 -22.78 -27.85 -55.69
CA LEU A 125 -23.62 -28.94 -56.22
C LEU A 125 -22.84 -30.08 -56.83
N THR A 126 -21.82 -29.77 -57.62
CA THR A 126 -21.04 -30.83 -58.25
C THR A 126 -20.32 -31.67 -57.19
N SER A 127 -20.12 -31.14 -55.98
CA SER A 127 -19.55 -31.94 -54.91
C SER A 127 -20.57 -32.61 -53.98
N GLY A 128 -21.85 -32.59 -54.33
CA GLY A 128 -22.83 -33.33 -53.52
C GLY A 128 -23.54 -32.59 -52.40
N GLY A 129 -23.06 -31.38 -52.03
CA GLY A 129 -23.70 -30.62 -50.96
C GLY A 129 -24.68 -29.58 -51.48
N ALA A 130 -25.61 -29.14 -50.65
CA ALA A 130 -26.48 -28.04 -51.05
C ALA A 130 -26.83 -27.09 -49.88
N SER A 131 -26.18 -25.94 -49.87
CA SER A 131 -26.51 -24.94 -48.89
C SER A 131 -27.34 -23.83 -49.49
N VAL A 132 -28.49 -23.54 -48.89
CA VAL A 132 -29.29 -22.37 -49.27
C VAL A 132 -29.01 -21.32 -48.18
N VAL A 133 -28.58 -20.13 -48.60
CA VAL A 133 -28.23 -19.07 -47.70
C VAL A 133 -29.19 -17.89 -47.74
N CYS A 134 -29.54 -17.40 -46.56
CA CYS A 134 -30.40 -16.24 -46.46
C CYS A 134 -29.75 -15.17 -45.57
N PHE A 135 -29.59 -13.97 -46.11
CA PHE A 135 -29.13 -12.83 -45.27
C PHE A 135 -30.28 -11.91 -44.87
N LEU A 136 -30.34 -11.62 -43.58
CA LEU A 136 -31.26 -10.60 -43.06
C LEU A 136 -30.41 -9.46 -42.51
N ASN A 137 -30.21 -8.41 -43.32
CA ASN A 137 -29.25 -7.37 -42.99
C ASN A 137 -29.81 -6.02 -42.47
N ASN A 138 -29.02 -5.33 -41.63
CA ASN A 138 -29.27 -3.95 -41.15
C ASN A 138 -30.66 -3.73 -40.51
N PHE A 139 -30.96 -4.49 -39.46
CA PHE A 139 -32.25 -4.35 -38.80
C PHE A 139 -32.10 -3.91 -37.36
N TYR A 140 -33.19 -3.37 -36.84
CA TYR A 140 -33.23 -2.90 -35.48
C TYR A 140 -34.70 -2.84 -35.01
N PRO A 141 -34.98 -3.34 -33.79
CA PRO A 141 -34.12 -3.98 -32.77
C PRO A 141 -33.71 -5.46 -33.12
N LYS A 142 -33.04 -6.14 -32.19
CA LYS A 142 -32.31 -7.37 -32.50
C LYS A 142 -33.17 -8.66 -32.61
N ASP A 143 -34.36 -8.64 -32.04
CA ASP A 143 -35.23 -9.81 -32.02
C ASP A 143 -35.76 -10.09 -33.41
N ILE A 144 -35.67 -11.35 -33.81
CA ILE A 144 -36.04 -11.71 -35.15
C ILE A 144 -36.21 -13.23 -35.25
N ASN A 145 -37.19 -13.67 -36.03
CA ASN A 145 -37.38 -15.08 -36.31
C ASN A 145 -37.20 -15.31 -37.78
N VAL A 146 -36.44 -16.35 -38.13
CA VAL A 146 -36.35 -16.74 -39.54
C VAL A 146 -36.95 -18.14 -39.66
N LYS A 147 -37.64 -18.37 -40.76
CA LYS A 147 -38.35 -19.62 -40.95
C LYS A 147 -38.08 -20.08 -42.35
N TRP A 148 -37.67 -21.33 -42.50
CA TRP A 148 -37.54 -21.94 -43.81
C TRP A 148 -38.80 -22.73 -44.22
N LYS A 149 -39.20 -22.60 -45.49
CA LYS A 149 -40.27 -23.43 -46.05
C LYS A 149 -39.74 -24.08 -47.32
N ILE A 150 -39.89 -25.39 -47.40
CA ILE A 150 -39.62 -26.11 -48.64
C ILE A 150 -40.95 -26.56 -49.24
N ASP A 151 -41.19 -26.16 -50.50
CA ASP A 151 -42.52 -26.37 -51.12
C ASP A 151 -43.67 -26.15 -50.13
N GLY A 152 -43.68 -25.00 -49.47
CA GLY A 152 -44.77 -24.61 -48.58
C GLY A 152 -44.67 -25.16 -47.17
N SER A 153 -43.80 -26.13 -46.94
CA SER A 153 -43.66 -26.76 -45.62
C SER A 153 -42.46 -26.29 -44.79
N GLU A 154 -42.76 -25.91 -43.56
CA GLU A 154 -41.76 -25.49 -42.63
C GLU A 154 -40.67 -26.55 -42.45
N ARG A 155 -39.41 -26.14 -42.58
CA ARG A 155 -38.27 -27.02 -42.36
C ARG A 155 -37.39 -26.53 -41.18
N GLN A 156 -37.21 -27.43 -40.20
CA GLN A 156 -36.47 -27.10 -39.00
C GLN A 156 -35.02 -27.57 -38.94
N ASN A 157 -34.71 -28.67 -39.59
CA ASN A 157 -33.41 -29.30 -39.48
C ASN A 157 -32.38 -28.91 -40.52
N GLY A 158 -31.14 -28.80 -40.06
CA GLY A 158 -30.03 -28.48 -40.91
C GLY A 158 -29.93 -26.97 -41.12
N VAL A 159 -30.41 -26.19 -40.15
CA VAL A 159 -30.42 -24.74 -40.22
C VAL A 159 -29.42 -24.17 -39.22
N LEU A 160 -28.41 -23.46 -39.70
CA LEU A 160 -27.48 -22.72 -38.80
C LEU A 160 -27.58 -21.23 -38.99
N ASN A 161 -27.73 -20.52 -37.88
CA ASN A 161 -27.75 -19.09 -37.87
C ASN A 161 -26.52 -18.50 -37.19
N SER A 162 -26.20 -17.26 -37.57
CA SER A 162 -25.14 -16.48 -36.99
C SER A 162 -25.58 -15.01 -37.04
N TRP A 163 -25.19 -14.26 -36.02
CA TRP A 163 -25.66 -12.87 -35.78
C TRP A 163 -24.44 -12.00 -35.56
N THR A 164 -24.31 -10.89 -36.30
CA THR A 164 -23.28 -9.90 -36.01
C THR A 164 -23.58 -9.17 -34.70
N ASP A 165 -22.59 -8.48 -34.14
CA ASP A 165 -22.84 -7.60 -32.99
C ASP A 165 -23.43 -6.29 -33.50
N GLN A 166 -23.87 -5.43 -32.57
CA GLN A 166 -24.38 -4.15 -32.96
C GLN A 166 -23.31 -3.44 -33.81
N ASP A 167 -23.64 -3.02 -35.03
CA ASP A 167 -22.69 -2.29 -35.85
C ASP A 167 -22.30 -0.95 -35.18
N SER A 168 -21.03 -0.77 -34.85
CA SER A 168 -20.62 0.46 -34.17
C SER A 168 -20.67 1.74 -35.04
N LYS A 169 -20.92 1.59 -36.35
CA LYS A 169 -21.27 2.69 -37.28
C LYS A 169 -22.79 3.09 -37.39
N ASP A 170 -23.66 2.16 -37.83
CA ASP A 170 -25.10 2.45 -37.94
C ASP A 170 -26.03 1.84 -36.86
N SER A 171 -25.45 1.11 -35.92
CA SER A 171 -26.14 0.51 -34.78
C SER A 171 -27.18 -0.56 -35.10
N THR A 172 -27.21 -1.04 -36.34
CA THR A 172 -28.12 -2.11 -36.70
C THR A 172 -27.54 -3.49 -36.39
N TYR A 173 -28.35 -4.53 -36.63
CA TYR A 173 -27.91 -5.93 -36.54
C TYR A 173 -28.05 -6.60 -37.90
N SER A 174 -27.28 -7.68 -38.08
CA SER A 174 -27.41 -8.53 -39.22
C SER A 174 -27.35 -9.98 -38.80
N MET A 175 -27.87 -10.84 -39.67
CA MET A 175 -27.98 -12.25 -39.40
C MET A 175 -27.93 -13.08 -40.70
N SER A 176 -27.28 -14.25 -40.64
CA SER A 176 -27.35 -15.19 -41.75
C SER A 176 -28.03 -16.46 -41.32
N SER A 177 -28.83 -17.01 -42.21
CA SER A 177 -29.45 -18.30 -41.94
C SER A 177 -29.02 -19.24 -43.05
N THR A 178 -28.51 -20.41 -42.72
CA THR A 178 -28.06 -21.34 -43.79
C THR A 178 -28.72 -22.67 -43.61
N LEU A 179 -29.44 -23.12 -44.62
CA LEU A 179 -30.07 -24.45 -44.61
C LEU A 179 -29.16 -25.39 -45.34
N THR A 180 -28.62 -26.40 -44.69
CA THR A 180 -27.73 -27.30 -45.42
C THR A 180 -28.44 -28.61 -45.78
N LEU A 181 -28.63 -28.86 -47.07
CA LEU A 181 -29.10 -30.17 -47.52
C LEU A 181 -28.04 -31.02 -48.28
N THR A 182 -28.33 -32.31 -48.48
CA THR A 182 -27.62 -33.15 -49.47
C THR A 182 -28.11 -32.65 -50.84
N LYS A 183 -27.29 -32.81 -51.88
CA LYS A 183 -27.74 -32.49 -53.25
C LYS A 183 -29.01 -33.28 -53.57
N ASP A 184 -29.07 -34.53 -53.10
CA ASP A 184 -30.20 -35.37 -53.43
C ASP A 184 -31.49 -34.87 -52.82
N GLU A 185 -31.44 -34.49 -51.54
CA GLU A 185 -32.60 -33.92 -50.85
C GLU A 185 -32.95 -32.59 -51.52
N TYR A 186 -31.92 -31.83 -51.92
CA TYR A 186 -32.17 -30.54 -52.59
C TYR A 186 -32.96 -30.77 -53.87
N GLU A 187 -32.63 -31.83 -54.60
CA GLU A 187 -33.25 -32.08 -55.91
C GLU A 187 -34.67 -32.60 -55.86
N ARG A 188 -35.08 -33.13 -54.72
CA ARG A 188 -36.45 -33.60 -54.51
C ARG A 188 -37.50 -32.49 -54.42
N HIS A 189 -37.09 -31.22 -54.40
CA HIS A 189 -38.04 -30.14 -54.17
C HIS A 189 -37.82 -28.99 -55.10
N ASN A 190 -38.83 -28.16 -55.22
CA ASN A 190 -38.68 -27.07 -56.15
C ASN A 190 -38.56 -25.68 -55.52
N SER A 191 -39.29 -25.47 -54.45
CA SER A 191 -39.59 -24.18 -53.95
C SER A 191 -38.92 -23.95 -52.60
N TYR A 192 -38.02 -22.95 -52.55
CA TYR A 192 -37.25 -22.65 -51.34
C TYR A 192 -37.51 -21.25 -50.83
N THR A 193 -37.88 -21.16 -49.56
CA THR A 193 -38.40 -19.90 -49.01
C THR A 193 -37.84 -19.58 -47.64
N CYS A 194 -37.39 -18.34 -47.51
CA CYS A 194 -36.85 -17.74 -46.30
C CYS A 194 -37.86 -16.64 -45.84
N GLU A 195 -38.34 -16.71 -44.60
CA GLU A 195 -39.31 -15.70 -44.10
C GLU A 195 -38.85 -15.11 -42.80
N ALA A 196 -38.71 -13.79 -42.76
CA ALA A 196 -38.25 -13.07 -41.56
C ALA A 196 -39.43 -12.39 -40.86
N THR A 197 -39.51 -12.56 -39.55
CA THR A 197 -40.54 -11.93 -38.75
C THR A 197 -39.91 -10.97 -37.77
N HIS A 198 -40.26 -9.70 -37.90
CA HIS A 198 -39.58 -8.66 -37.16
C HIS A 198 -40.62 -7.59 -36.69
N LYS A 199 -40.44 -7.00 -35.53
CA LYS A 199 -41.46 -6.08 -35.00
C LYS A 199 -41.84 -4.91 -35.94
N THR A 200 -41.01 -4.60 -36.94
CA THR A 200 -41.32 -3.49 -37.86
C THR A 200 -42.51 -3.79 -38.80
N SER A 201 -43.18 -4.92 -38.61
CA SER A 201 -44.23 -5.35 -39.52
C SER A 201 -44.92 -6.60 -39.00
N THR A 202 -46.25 -6.58 -39.00
CA THR A 202 -47.02 -7.75 -38.59
C THR A 202 -46.95 -8.86 -39.64
N SER A 203 -46.57 -8.56 -40.87
CA SER A 203 -46.37 -9.63 -41.82
C SER A 203 -44.89 -9.91 -42.23
N PRO A 204 -44.53 -11.20 -42.31
CA PRO A 204 -43.18 -11.66 -42.64
C PRO A 204 -42.64 -11.08 -43.93
N ILE A 205 -41.32 -10.97 -44.05
CA ILE A 205 -40.69 -10.65 -45.29
C ILE A 205 -40.27 -11.97 -45.88
N VAL A 206 -40.77 -12.27 -47.07
CA VAL A 206 -40.71 -13.60 -47.65
C VAL A 206 -39.86 -13.47 -48.89
N LYS A 207 -38.82 -14.29 -49.03
CA LYS A 207 -37.99 -14.31 -50.25
C LYS A 207 -37.84 -15.76 -50.67
N SER A 208 -37.97 -16.01 -51.98
CA SER A 208 -37.78 -17.36 -52.46
C SER A 208 -37.41 -17.49 -53.89
N PHE A 209 -37.23 -18.74 -54.29
CA PHE A 209 -36.94 -19.06 -55.65
C PHE A 209 -37.38 -20.48 -55.91
N ASN A 210 -37.53 -20.79 -57.20
CA ASN A 210 -37.79 -22.14 -57.69
C ASN A 210 -36.54 -22.72 -58.31
N ARG A 211 -36.17 -23.90 -57.84
CA ARG A 211 -34.96 -24.60 -58.25
C ARG A 211 -34.67 -24.63 -59.77
N ASN A 212 -35.67 -24.29 -60.60
CA ASN A 212 -35.45 -24.12 -62.05
C ASN A 212 -34.98 -22.71 -62.41
N GLU A 213 -35.95 -21.88 -62.80
CA GLU A 213 -35.80 -20.45 -62.78
C GLU A 213 -37.19 -19.92 -62.45
N GLU B 1 3.75 1.96 -16.56
CA GLU B 1 2.36 1.52 -16.99
C GLU B 1 2.24 0.03 -16.72
N VAL B 2 1.25 -0.34 -15.93
CA VAL B 2 1.06 -1.75 -15.62
C VAL B 2 0.46 -2.47 -16.83
N GLN B 3 1.15 -3.51 -17.28
CA GLN B 3 0.71 -4.31 -18.41
C GLN B 3 0.78 -5.81 -18.18
N LEU B 4 -0.14 -6.56 -18.77
CA LEU B 4 -0.10 -8.00 -18.64
C LEU B 4 -0.16 -8.51 -20.05
N GLN B 5 0.86 -9.25 -20.45
CA GLN B 5 0.93 -9.75 -21.83
C GLN B 5 0.75 -11.30 -21.86
N GLN B 6 -0.38 -11.74 -22.38
CA GLN B 6 -0.66 -13.16 -22.40
C GLN B 6 -0.18 -13.88 -23.67
N SER B 7 0.10 -15.16 -23.53
CA SER B 7 0.52 -15.99 -24.67
C SER B 7 -0.65 -16.28 -25.67
N GLY B 8 -0.29 -16.71 -26.90
CA GLY B 8 -1.23 -16.82 -28.05
C GLY B 8 -2.11 -18.07 -27.98
N THR B 9 -2.97 -18.25 -28.97
CA THR B 9 -3.95 -19.32 -28.98
C THR B 9 -3.30 -20.70 -28.95
N VAL B 10 -3.82 -21.60 -28.14
CA VAL B 10 -3.35 -22.93 -28.16
C VAL B 10 -4.46 -23.90 -28.53
N LEU B 11 -4.14 -24.91 -29.35
CA LEU B 11 -5.08 -25.95 -29.76
C LEU B 11 -4.60 -27.22 -29.12
N ALA B 12 -5.52 -28.04 -28.63
CA ALA B 12 -5.15 -29.30 -28.02
C ALA B 12 -6.22 -30.38 -28.26
N ARG B 13 -5.82 -31.64 -28.22
CA ARG B 13 -6.75 -32.76 -28.30
C ARG B 13 -7.33 -33.09 -26.93
N PRO B 14 -8.54 -33.67 -26.90
CA PRO B 14 -9.11 -34.08 -25.60
C PRO B 14 -8.16 -34.95 -24.77
N GLY B 15 -8.19 -34.80 -23.44
CA GLY B 15 -7.29 -35.55 -22.54
C GLY B 15 -5.87 -35.02 -22.49
N ALA B 16 -5.48 -34.15 -23.42
CA ALA B 16 -4.16 -33.53 -23.36
C ALA B 16 -4.00 -32.37 -22.29
N SER B 17 -2.84 -31.74 -22.30
CA SER B 17 -2.51 -30.64 -21.40
C SER B 17 -2.10 -29.43 -22.19
N VAL B 18 -2.23 -28.26 -21.57
CA VAL B 18 -1.89 -27.03 -22.22
C VAL B 18 -1.32 -26.11 -21.15
N LYS B 19 -0.35 -25.30 -21.53
CA LYS B 19 0.27 -24.36 -20.60
C LYS B 19 0.33 -22.98 -21.24
N MET B 20 -0.16 -21.98 -20.53
CA MET B 20 -0.14 -20.61 -21.00
C MET B 20 0.58 -19.68 -20.00
N SER B 21 1.01 -18.56 -20.52
CA SER B 21 1.78 -17.66 -19.71
C SER B 21 1.20 -16.21 -19.69
N CYS B 22 1.63 -15.47 -18.66
CA CYS B 22 1.20 -14.09 -18.48
C CYS B 22 2.39 -13.29 -17.99
N LYS B 23 2.86 -12.40 -18.85
CA LYS B 23 4.08 -11.65 -18.61
C LYS B 23 3.74 -10.25 -18.04
N ALA B 24 4.19 -9.97 -16.82
CA ALA B 24 3.80 -8.79 -16.13
C ALA B 24 4.87 -7.71 -16.26
N SER B 25 4.48 -6.47 -16.57
CA SER B 25 5.46 -5.39 -16.50
C SER B 25 4.88 -4.14 -15.87
N GLY B 26 5.78 -3.21 -15.45
CA GLY B 26 5.45 -1.90 -14.87
C GLY B 26 5.10 -1.88 -13.37
N TYR B 27 5.43 -2.95 -12.64
CA TYR B 27 5.17 -2.99 -11.18
C TYR B 27 5.98 -4.09 -10.47
N SER B 28 5.88 -4.13 -9.14
CA SER B 28 6.56 -5.13 -8.35
C SER B 28 5.85 -6.48 -8.46
N PHE B 29 6.32 -7.30 -9.37
CA PHE B 29 5.66 -8.59 -9.63
C PHE B 29 5.44 -9.41 -8.39
N THR B 30 6.38 -9.38 -7.44
CA THR B 30 6.31 -10.25 -6.24
C THR B 30 5.36 -9.71 -5.18
N SER B 31 4.75 -8.53 -5.38
CA SER B 31 3.96 -7.89 -4.32
C SER B 31 2.45 -8.02 -4.52
N TYR B 32 2.00 -8.69 -5.60
CA TYR B 32 0.57 -8.77 -5.88
C TYR B 32 0.11 -10.18 -6.29
N TRP B 33 -1.02 -10.64 -5.76
CA TRP B 33 -1.70 -11.81 -6.26
C TRP B 33 -1.98 -11.69 -7.78
N MET B 34 -1.65 -12.73 -8.56
CA MET B 34 -2.14 -12.90 -9.93
C MET B 34 -3.33 -13.81 -10.00
N HIS B 35 -4.43 -13.34 -10.58
CA HIS B 35 -5.66 -14.13 -10.66
C HIS B 35 -5.84 -14.67 -12.04
N TRP B 36 -6.57 -15.78 -12.14
CA TRP B 36 -6.93 -16.30 -13.45
C TRP B 36 -8.42 -16.51 -13.52
N VAL B 37 -8.97 -16.22 -14.70
CA VAL B 37 -10.40 -16.18 -14.89
C VAL B 37 -10.74 -16.83 -16.24
N LYS B 38 -11.78 -17.65 -16.22
CA LYS B 38 -12.28 -18.38 -17.40
C LYS B 38 -13.54 -17.71 -17.93
N GLN B 39 -13.63 -17.63 -19.26
CA GLN B 39 -14.84 -17.19 -19.93
C GLN B 39 -15.20 -18.05 -21.15
N ARG B 40 -16.19 -18.92 -21.04
CA ARG B 40 -16.72 -19.56 -22.25
C ARG B 40 -17.83 -18.74 -22.83
N PRO B 41 -17.99 -18.79 -24.17
CA PRO B 41 -18.90 -17.86 -24.84
C PRO B 41 -20.35 -17.90 -24.28
N GLY B 42 -20.95 -16.71 -24.15
CA GLY B 42 -22.19 -16.48 -23.44
C GLY B 42 -22.31 -17.22 -22.12
N GLN B 43 -21.29 -17.14 -21.26
CA GLN B 43 -21.27 -18.01 -20.07
C GLN B 43 -20.86 -17.41 -18.72
N GLY B 44 -20.48 -16.14 -18.67
CA GLY B 44 -20.20 -15.53 -17.38
C GLY B 44 -18.81 -15.89 -16.88
N LEU B 45 -18.16 -14.95 -16.21
CA LEU B 45 -16.80 -15.19 -15.78
C LEU B 45 -16.73 -16.14 -14.59
N GLU B 46 -15.66 -16.92 -14.53
CA GLU B 46 -15.43 -17.81 -13.40
C GLU B 46 -14.02 -17.68 -12.92
N TRP B 47 -13.85 -17.54 -11.63
CA TRP B 47 -12.53 -17.38 -11.06
C TRP B 47 -11.90 -18.74 -10.87
N ILE B 48 -10.75 -19.00 -11.48
CA ILE B 48 -10.10 -20.29 -11.36
C ILE B 48 -9.25 -20.36 -10.10
N GLY B 49 -8.45 -19.31 -9.86
CA GLY B 49 -7.57 -19.27 -8.73
C GLY B 49 -6.52 -18.17 -8.86
N ALA B 50 -5.55 -18.22 -7.95
CA ALA B 50 -4.55 -17.17 -7.96
C ALA B 50 -3.21 -17.68 -7.41
N VAL B 51 -2.12 -17.01 -7.79
CA VAL B 51 -0.82 -17.35 -7.28
C VAL B 51 -0.19 -16.07 -6.67
N TYR B 52 0.51 -16.19 -5.55
CA TYR B 52 1.18 -15.04 -4.94
C TYR B 52 2.67 -15.10 -5.19
N PRO B 53 3.16 -14.39 -6.23
CA PRO B 53 4.54 -14.73 -6.59
C PRO B 53 5.53 -14.49 -5.47
N GLY B 54 5.21 -13.60 -4.53
CA GLY B 54 6.11 -13.27 -3.41
C GLY B 54 6.47 -14.45 -2.53
N ASN B 55 5.67 -15.51 -2.55
CA ASN B 55 6.02 -16.68 -1.75
C ASN B 55 5.56 -17.94 -2.39
N SER B 56 5.05 -17.84 -3.61
CA SER B 56 4.68 -19.04 -4.35
C SER B 56 3.41 -19.72 -3.89
N ASP B 57 2.74 -19.15 -2.91
CA ASP B 57 1.50 -19.74 -2.46
C ASP B 57 0.43 -19.61 -3.57
N THR B 58 -0.52 -20.54 -3.57
CA THR B 58 -1.58 -20.58 -4.58
C THR B 58 -2.90 -20.84 -3.90
N SER B 59 -3.99 -20.54 -4.60
CA SER B 59 -5.34 -20.73 -4.08
C SER B 59 -6.28 -21.05 -5.29
N TYR B 60 -7.07 -22.10 -5.16
CA TYR B 60 -7.84 -22.65 -6.27
C TYR B 60 -9.30 -22.67 -5.90
N ASN B 61 -10.17 -22.26 -6.81
CA ASN B 61 -11.60 -22.55 -6.68
C ASN B 61 -11.74 -24.10 -6.58
N GLN B 62 -12.55 -24.59 -5.65
CA GLN B 62 -12.84 -26.05 -5.57
C GLN B 62 -13.22 -26.71 -6.90
N LYS B 63 -13.88 -25.96 -7.78
CA LYS B 63 -14.29 -26.47 -9.05
C LYS B 63 -13.09 -26.67 -10.00
N PHE B 64 -11.93 -26.06 -9.71
CA PHE B 64 -10.75 -26.18 -10.58
C PHE B 64 -9.57 -26.89 -9.94
N LYS B 65 -9.74 -27.38 -8.71
CA LYS B 65 -8.69 -28.15 -8.03
C LYS B 65 -8.03 -29.20 -8.94
N GLY B 66 -8.80 -30.07 -9.57
CA GLY B 66 -8.15 -31.01 -10.49
C GLY B 66 -7.51 -30.41 -11.75
N LYS B 67 -8.14 -29.36 -12.27
CA LYS B 67 -7.89 -28.85 -13.61
C LYS B 67 -6.63 -28.08 -13.80
N ALA B 68 -6.36 -27.20 -12.85
CA ALA B 68 -5.47 -26.09 -13.09
C ALA B 68 -4.31 -26.15 -12.15
N LYS B 69 -3.14 -25.82 -12.67
CA LYS B 69 -1.95 -25.70 -11.84
C LYS B 69 -1.33 -24.33 -12.09
N LEU B 70 -1.11 -23.54 -11.02
CA LEU B 70 -0.58 -22.17 -11.18
C LEU B 70 0.79 -22.05 -10.63
N THR B 71 1.65 -21.37 -11.37
CA THR B 71 3.01 -21.17 -10.93
C THR B 71 3.46 -19.75 -11.35
N ALA B 72 4.65 -19.34 -10.86
CA ALA B 72 5.19 -18.01 -11.16
C ALA B 72 6.67 -18.14 -11.19
N VAL B 73 7.30 -17.41 -12.11
CA VAL B 73 8.75 -17.38 -12.16
C VAL B 73 9.15 -15.95 -11.95
N THR B 74 9.76 -15.71 -10.81
CA THR B 74 9.96 -14.33 -10.42
C THR B 74 10.98 -13.52 -11.23
N SER B 75 12.10 -14.11 -11.60
CA SER B 75 13.07 -13.36 -12.40
C SER B 75 12.48 -12.79 -13.73
N ALA B 76 11.48 -13.47 -14.33
CA ALA B 76 10.92 -13.03 -15.61
C ALA B 76 9.55 -12.35 -15.49
N SER B 77 9.07 -12.21 -14.24
CA SER B 77 7.76 -11.60 -14.00
C SER B 77 6.69 -12.28 -14.83
N THR B 78 6.72 -13.60 -14.84
CA THR B 78 5.79 -14.34 -15.66
C THR B 78 5.02 -15.33 -14.79
N ALA B 79 3.69 -15.30 -14.90
CA ALA B 79 2.85 -16.30 -14.27
C ALA B 79 2.37 -17.36 -15.29
N TYR B 80 2.08 -18.56 -14.81
CA TYR B 80 1.82 -19.68 -15.67
C TYR B 80 0.60 -20.43 -15.22
N MET B 81 -0.19 -20.89 -16.18
CA MET B 81 -1.31 -21.79 -15.86
C MET B 81 -1.33 -23.04 -16.74
N GLU B 82 -1.32 -24.21 -16.12
CA GLU B 82 -1.35 -25.41 -16.87
C GLU B 82 -2.70 -26.05 -16.70
N LEU B 83 -3.36 -26.37 -17.80
CA LEU B 83 -4.66 -27.04 -17.75
C LEU B 83 -4.52 -28.49 -18.22
N SER B 84 -4.96 -29.41 -17.39
CA SER B 84 -4.70 -30.82 -17.69
C SER B 84 -5.97 -31.55 -18.02
N SER B 85 -5.77 -32.63 -18.76
CA SER B 85 -6.78 -33.63 -19.06
C SER B 85 -8.04 -32.98 -19.65
N LEU B 86 -7.79 -32.32 -20.76
CA LEU B 86 -8.73 -31.42 -21.39
C LEU B 86 -9.99 -32.08 -21.95
N THR B 87 -10.99 -31.22 -22.13
CA THR B 87 -12.36 -31.59 -22.42
C THR B 87 -12.88 -30.45 -23.29
N ASN B 88 -13.94 -30.70 -24.04
CA ASN B 88 -14.62 -29.66 -24.82
C ASN B 88 -15.01 -28.45 -23.97
N GLU B 89 -15.34 -28.71 -22.71
CA GLU B 89 -15.80 -27.71 -21.78
C GLU B 89 -14.66 -26.77 -21.36
N ASP B 90 -13.41 -27.17 -21.60
CA ASP B 90 -12.31 -26.26 -21.34
C ASP B 90 -12.02 -25.36 -22.50
N SER B 91 -12.71 -25.51 -23.63
CA SER B 91 -12.63 -24.47 -24.67
C SER B 91 -13.19 -23.08 -24.21
N ALA B 92 -12.30 -22.08 -24.15
CA ALA B 92 -12.63 -20.79 -23.52
C ALA B 92 -11.53 -19.78 -23.76
N VAL B 93 -11.83 -18.53 -23.38
CA VAL B 93 -10.81 -17.51 -23.15
C VAL B 93 -10.38 -17.50 -21.68
N TYR B 94 -9.07 -17.33 -21.46
CA TYR B 94 -8.51 -17.43 -20.11
C TYR B 94 -7.73 -16.15 -19.91
N TYR B 95 -8.04 -15.42 -18.83
CA TYR B 95 -7.45 -14.11 -18.50
C TYR B 95 -6.60 -14.23 -17.27
N CYS B 96 -5.49 -13.48 -17.22
CA CYS B 96 -4.82 -13.26 -15.94
C CYS B 96 -5.18 -11.84 -15.55
N SER B 97 -5.09 -11.54 -14.25
CA SER B 97 -5.37 -10.20 -13.76
C SER B 97 -4.69 -9.96 -12.44
N ARG B 98 -4.36 -8.69 -12.19
CA ARG B 98 -3.58 -8.31 -11.01
C ARG B 98 -4.57 -7.76 -9.98
N SER B 99 -4.48 -8.27 -8.77
CA SER B 99 -5.12 -7.64 -7.63
C SER B 99 -4.88 -6.12 -7.66
N SER B 100 -5.88 -5.33 -7.28
CA SER B 100 -5.64 -3.88 -7.28
C SER B 100 -4.81 -3.46 -6.08
N LEU B 101 -4.78 -4.31 -5.04
CA LEU B 101 -4.00 -4.08 -3.83
C LEU B 101 -2.82 -5.08 -3.60
N ASP B 102 -1.70 -4.53 -3.12
CA ASP B 102 -0.53 -5.30 -2.81
C ASP B 102 -0.64 -6.07 -1.48
N GLY B 103 0.10 -7.19 -1.39
CA GLY B 103 0.24 -7.92 -0.16
C GLY B 103 -0.38 -9.30 -0.17
N TYR B 104 0.03 -10.11 0.77
CA TYR B 104 -0.33 -11.47 0.79
C TYR B 104 -1.75 -11.68 1.31
N TYR B 105 -2.17 -10.85 2.26
CA TYR B 105 -3.46 -11.07 2.89
C TYR B 105 -4.62 -10.39 2.22
N VAL B 106 -4.44 -9.77 1.06
CA VAL B 106 -5.58 -9.39 0.26
C VAL B 106 -5.91 -10.43 -0.81
N LYS B 107 -6.05 -11.70 -0.45
CA LYS B 107 -6.29 -12.72 -1.50
C LYS B 107 -7.63 -12.55 -2.24
N ASN B 108 -8.68 -12.14 -1.54
CA ASN B 108 -9.96 -11.92 -2.18
C ASN B 108 -10.25 -10.44 -2.39
N TRP B 109 -9.80 -9.86 -3.49
CA TRP B 109 -10.09 -8.46 -3.74
C TRP B 109 -10.53 -8.36 -5.17
N CYS B 110 -10.58 -7.15 -5.72
CA CYS B 110 -10.88 -6.96 -7.12
C CYS B 110 -9.57 -6.64 -7.83
N PHE B 111 -9.65 -6.50 -9.14
CA PHE B 111 -8.48 -6.50 -10.01
C PHE B 111 -8.40 -5.20 -10.78
N ASP B 112 -7.22 -4.64 -10.93
CA ASP B 112 -7.21 -3.43 -11.71
C ASP B 112 -6.60 -3.52 -13.09
N VAL B 113 -5.92 -4.57 -13.46
CA VAL B 113 -5.42 -4.68 -14.80
C VAL B 113 -5.69 -6.10 -15.22
N TRP B 114 -6.04 -6.29 -16.50
CA TRP B 114 -6.34 -7.61 -17.02
C TRP B 114 -5.49 -7.82 -18.25
N GLY B 115 -5.11 -9.06 -18.52
CA GLY B 115 -4.56 -9.35 -19.81
C GLY B 115 -5.64 -9.44 -20.86
N GLN B 116 -5.23 -9.58 -22.13
CA GLN B 116 -6.18 -9.65 -23.24
C GLN B 116 -6.79 -11.04 -23.44
N GLY B 117 -6.34 -12.05 -22.70
CA GLY B 117 -6.94 -13.38 -22.86
C GLY B 117 -6.19 -14.33 -23.79
N THR B 118 -6.08 -15.59 -23.36
CA THR B 118 -5.57 -16.67 -24.19
C THR B 118 -6.72 -17.64 -24.48
N THR B 119 -7.01 -17.86 -25.78
CA THR B 119 -7.95 -18.83 -26.27
C THR B 119 -7.34 -20.28 -26.26
N VAL B 120 -8.10 -21.21 -25.66
CA VAL B 120 -7.78 -22.64 -25.69
C VAL B 120 -8.91 -23.32 -26.41
N THR B 121 -8.62 -23.93 -27.56
CA THR B 121 -9.61 -24.67 -28.34
C THR B 121 -9.29 -26.15 -28.22
N VAL B 122 -10.20 -26.88 -27.60
CA VAL B 122 -10.03 -28.33 -27.42
C VAL B 122 -10.87 -29.04 -28.47
N SER B 123 -10.22 -29.79 -29.36
CA SER B 123 -10.90 -30.41 -30.51
C SER B 123 -10.13 -31.60 -31.03
N SER B 124 -10.87 -32.53 -31.65
CA SER B 124 -10.25 -33.70 -32.32
C SER B 124 -9.99 -33.47 -33.78
N ALA B 125 -10.49 -32.36 -34.32
CA ALA B 125 -10.45 -32.09 -35.74
C ALA B 125 -9.02 -31.98 -36.29
N LYS B 126 -8.96 -32.14 -37.60
CA LYS B 126 -7.73 -32.01 -38.33
C LYS B 126 -7.72 -30.71 -39.12
N THR B 127 -6.54 -30.07 -39.18
CA THR B 127 -6.32 -28.96 -40.09
C THR B 127 -6.86 -29.23 -41.51
N THR B 128 -7.86 -28.45 -41.92
CA THR B 128 -8.56 -28.57 -43.21
C THR B 128 -8.79 -27.18 -43.82
N ALA B 129 -8.31 -26.98 -45.07
CA ALA B 129 -8.61 -25.77 -45.85
C ALA B 129 -10.11 -25.69 -46.08
N PRO B 130 -10.68 -24.48 -46.19
CA PRO B 130 -12.11 -24.38 -46.43
C PRO B 130 -12.43 -24.51 -47.91
N SER B 131 -13.70 -24.81 -48.22
CA SER B 131 -14.28 -24.64 -49.54
C SER B 131 -14.94 -23.28 -49.59
N VAL B 132 -14.85 -22.60 -50.72
CA VAL B 132 -15.35 -21.30 -50.85
C VAL B 132 -16.29 -21.27 -52.04
N TYR B 133 -17.52 -20.84 -51.80
CA TYR B 133 -18.52 -20.84 -52.84
C TYR B 133 -19.09 -19.44 -53.02
N PRO B 134 -19.08 -18.93 -54.28
CA PRO B 134 -19.67 -17.67 -54.65
C PRO B 134 -21.17 -17.80 -54.59
N LEU B 135 -21.85 -16.73 -54.17
CA LEU B 135 -23.30 -16.69 -54.02
C LEU B 135 -23.83 -15.55 -54.86
N ALA B 136 -24.31 -15.86 -56.05
CA ALA B 136 -24.90 -14.88 -56.93
C ALA B 136 -26.43 -14.79 -56.67
N PRO B 137 -27.02 -13.61 -56.95
CA PRO B 137 -28.49 -13.43 -56.77
C PRO B 137 -29.33 -14.48 -57.46
N VAL B 138 -30.56 -14.66 -56.97
CA VAL B 138 -31.51 -15.56 -57.60
C VAL B 138 -31.55 -15.30 -59.11
N CYS B 139 -31.55 -16.40 -59.87
CA CYS B 139 -31.52 -16.39 -61.35
C CYS B 139 -32.56 -15.47 -62.00
N GLY B 140 -32.09 -14.61 -62.91
CA GLY B 140 -32.94 -13.67 -63.67
C GLY B 140 -33.60 -12.57 -62.85
N ASP B 141 -34.13 -12.97 -61.69
CA ASP B 141 -34.76 -12.16 -60.63
C ASP B 141 -34.03 -10.85 -60.23
N THR B 142 -33.74 -9.99 -61.21
CA THR B 142 -33.04 -8.71 -60.92
C THR B 142 -34.00 -7.52 -60.88
N THR B 143 -34.12 -6.91 -59.71
CA THR B 143 -35.14 -5.89 -59.47
C THR B 143 -34.62 -4.54 -58.91
N GLY B 144 -34.37 -4.47 -57.59
CA GLY B 144 -34.11 -3.20 -56.86
C GLY B 144 -33.00 -2.25 -57.28
N SER B 145 -32.79 -1.20 -56.47
CA SER B 145 -31.76 -0.19 -56.76
C SER B 145 -30.35 -0.68 -56.38
N SER B 146 -30.29 -1.57 -55.40
CA SER B 146 -29.04 -2.20 -55.00
C SER B 146 -29.14 -3.72 -55.09
N VAL B 147 -28.01 -4.38 -55.28
CA VAL B 147 -27.93 -5.86 -55.27
C VAL B 147 -27.06 -6.43 -54.13
N THR B 148 -27.48 -7.56 -53.58
CA THR B 148 -26.70 -8.22 -52.54
C THR B 148 -26.03 -9.52 -53.02
N LEU B 149 -24.71 -9.64 -52.79
CA LEU B 149 -23.95 -10.85 -53.17
C LEU B 149 -23.37 -11.49 -51.94
N GLY B 150 -22.97 -12.75 -52.06
CA GLY B 150 -22.35 -13.41 -50.93
C GLY B 150 -21.28 -14.42 -51.22
N CYS B 151 -20.73 -14.95 -50.14
CA CYS B 151 -19.62 -15.85 -50.17
C CYS B 151 -19.79 -16.83 -49.03
N LEU B 152 -19.77 -18.14 -49.31
CA LEU B 152 -19.90 -19.17 -48.28
C LEU B 152 -18.55 -19.88 -48.13
N VAL B 153 -18.09 -19.94 -46.89
CA VAL B 153 -16.84 -20.56 -46.54
C VAL B 153 -17.15 -21.72 -45.62
N LYS B 154 -16.80 -22.93 -46.05
CA LYS B 154 -17.32 -24.08 -45.42
C LYS B 154 -16.27 -25.14 -45.13
N GLY B 155 -16.42 -25.77 -43.97
CA GLY B 155 -15.68 -26.95 -43.61
C GLY B 155 -14.22 -26.71 -43.34
N TYR B 156 -13.89 -25.73 -42.50
CA TYR B 156 -12.48 -25.50 -42.15
C TYR B 156 -12.19 -25.69 -40.69
N PHE B 157 -10.90 -25.85 -40.41
CA PHE B 157 -10.37 -25.96 -39.08
C PHE B 157 -8.86 -25.68 -39.11
N PRO B 158 -8.34 -24.91 -38.13
CA PRO B 158 -9.03 -24.23 -37.04
C PRO B 158 -9.39 -22.84 -37.50
N GLU B 159 -9.99 -22.04 -36.61
CA GLU B 159 -10.09 -20.58 -36.78
C GLU B 159 -8.71 -19.92 -36.72
N PRO B 160 -8.54 -18.76 -37.39
CA PRO B 160 -9.59 -18.03 -38.11
C PRO B 160 -9.45 -18.13 -39.64
N VAL B 161 -10.41 -17.55 -40.32
CA VAL B 161 -10.34 -17.29 -41.74
C VAL B 161 -10.39 -15.75 -41.83
N THR B 162 -9.76 -15.15 -42.81
CA THR B 162 -10.05 -13.76 -43.02
C THR B 162 -10.61 -13.59 -44.42
N LEU B 163 -11.61 -12.75 -44.52
CA LEU B 163 -12.38 -12.63 -45.72
C LEU B 163 -12.42 -11.16 -46.13
N THR B 164 -12.22 -10.91 -47.41
CA THR B 164 -12.28 -9.55 -47.91
C THR B 164 -12.99 -9.56 -49.27
N TRP B 165 -13.43 -8.38 -49.66
CA TRP B 165 -14.07 -8.24 -50.94
C TRP B 165 -13.18 -7.30 -51.74
N ASN B 166 -12.94 -7.71 -52.99
CA ASN B 166 -12.00 -7.05 -53.93
C ASN B 166 -10.65 -6.67 -53.34
N SER B 167 -9.98 -7.66 -52.74
CA SER B 167 -8.73 -7.46 -52.01
C SER B 167 -8.81 -6.36 -50.97
N GLY B 168 -10.04 -6.03 -50.54
CA GLY B 168 -10.21 -5.08 -49.45
C GLY B 168 -10.63 -3.65 -49.80
N SER B 169 -10.64 -3.31 -51.08
CA SER B 169 -11.10 -1.96 -51.45
C SER B 169 -12.62 -1.81 -51.30
N LEU B 170 -13.40 -2.85 -51.63
CA LEU B 170 -14.82 -2.90 -51.27
C LEU B 170 -14.95 -3.28 -49.82
N SER B 171 -15.37 -2.35 -48.97
CA SER B 171 -15.33 -2.59 -47.53
C SER B 171 -16.58 -2.04 -46.86
N SER B 172 -17.25 -1.08 -47.46
CA SER B 172 -18.46 -0.62 -46.83
C SER B 172 -19.69 -1.48 -47.31
N GLY B 173 -20.76 -1.57 -46.52
CA GLY B 173 -21.87 -2.48 -46.84
C GLY B 173 -21.57 -3.99 -46.88
N VAL B 174 -20.59 -4.40 -46.05
CA VAL B 174 -20.14 -5.79 -45.92
C VAL B 174 -20.54 -6.28 -44.55
N HIS B 175 -21.05 -7.51 -44.46
CA HIS B 175 -21.27 -8.11 -43.18
C HIS B 175 -20.60 -9.46 -43.25
N THR B 176 -19.80 -9.76 -42.24
CA THR B 176 -19.10 -11.00 -42.21
C THR B 176 -19.44 -11.60 -40.91
N PHE B 177 -20.04 -12.79 -40.96
CA PHE B 177 -20.69 -13.34 -39.77
C PHE B 177 -19.74 -14.20 -38.92
N PRO B 178 -19.99 -14.28 -37.60
CA PRO B 178 -19.08 -15.16 -36.86
C PRO B 178 -19.22 -16.62 -37.35
N ALA B 179 -18.16 -17.40 -37.22
CA ALA B 179 -18.14 -18.76 -37.68
C ALA B 179 -18.95 -19.62 -36.74
N VAL B 180 -19.64 -20.65 -37.25
CA VAL B 180 -20.16 -21.66 -36.32
C VAL B 180 -19.66 -23.05 -36.63
N LEU B 181 -19.75 -23.91 -35.64
CA LEU B 181 -19.41 -25.31 -35.76
C LEU B 181 -20.50 -26.14 -36.42
N GLN B 182 -20.10 -26.93 -37.40
CA GLN B 182 -20.96 -27.86 -38.10
C GLN B 182 -20.18 -29.16 -38.07
N SER B 183 -20.48 -30.00 -37.08
CA SER B 183 -19.64 -31.17 -36.74
C SER B 183 -18.38 -30.63 -36.04
N ASP B 184 -17.21 -31.08 -36.49
CA ASP B 184 -15.92 -30.63 -36.00
C ASP B 184 -15.44 -29.37 -36.73
N LEU B 185 -16.16 -28.92 -37.75
CA LEU B 185 -15.62 -27.98 -38.69
C LEU B 185 -16.41 -26.66 -38.68
N TYR B 186 -15.76 -25.56 -39.06
CA TYR B 186 -16.37 -24.23 -39.04
C TYR B 186 -16.92 -23.83 -40.42
N THR B 187 -17.99 -23.03 -40.42
CA THR B 187 -18.54 -22.35 -41.59
C THR B 187 -18.78 -20.88 -41.27
N LEU B 188 -18.56 -20.03 -42.26
CA LEU B 188 -19.08 -18.70 -42.13
C LEU B 188 -19.52 -18.20 -43.48
N SER B 189 -20.09 -17.00 -43.50
CA SER B 189 -20.44 -16.37 -44.75
C SER B 189 -20.29 -14.89 -44.57
N SER B 190 -20.28 -14.18 -45.70
CA SER B 190 -20.18 -12.77 -45.78
C SER B 190 -21.08 -12.35 -46.92
N SER B 191 -21.78 -11.21 -46.72
CA SER B 191 -22.52 -10.56 -47.80
C SER B 191 -21.94 -9.20 -48.10
N VAL B 192 -22.11 -8.78 -49.34
CA VAL B 192 -21.78 -7.42 -49.74
C VAL B 192 -22.90 -6.84 -50.58
N THR B 193 -23.33 -5.62 -50.22
CA THR B 193 -24.39 -4.87 -50.88
C THR B 193 -23.79 -3.63 -51.57
N VAL B 194 -24.22 -3.40 -52.79
CA VAL B 194 -23.53 -2.56 -53.73
C VAL B 194 -24.66 -2.06 -54.62
N THR B 195 -24.54 -0.90 -55.27
CA THR B 195 -25.68 -0.40 -56.09
C THR B 195 -25.72 -1.22 -57.40
N SER B 196 -26.87 -1.32 -58.06
CA SER B 196 -26.94 -2.24 -59.22
C SER B 196 -26.29 -1.74 -60.50
N SER B 197 -25.92 -0.46 -60.55
CA SER B 197 -25.05 -0.01 -61.63
C SER B 197 -23.60 -0.44 -61.40
N THR B 198 -23.23 -0.74 -60.15
CA THR B 198 -21.90 -1.27 -59.82
C THR B 198 -21.67 -2.64 -60.48
N ARG B 199 -22.72 -3.44 -60.63
CA ARG B 199 -22.49 -4.81 -61.03
C ARG B 199 -23.75 -5.58 -61.49
N PRO B 200 -23.58 -6.58 -62.39
CA PRO B 200 -22.36 -7.29 -62.86
C PRO B 200 -21.38 -6.54 -63.77
N SER B 201 -21.60 -5.26 -64.04
CA SER B 201 -20.69 -4.54 -64.95
C SER B 201 -19.24 -4.49 -64.43
N GLN B 202 -19.04 -4.15 -63.16
CA GLN B 202 -17.72 -4.29 -62.51
C GLN B 202 -17.58 -5.62 -61.77
N SER B 203 -16.34 -6.10 -61.68
CA SER B 203 -16.03 -7.38 -61.07
C SER B 203 -16.14 -7.31 -59.53
N ILE B 204 -16.76 -8.32 -58.92
CA ILE B 204 -16.67 -8.45 -57.46
C ILE B 204 -16.15 -9.85 -57.10
N THR B 205 -15.04 -9.87 -56.37
CA THR B 205 -14.39 -11.12 -55.97
C THR B 205 -14.30 -11.26 -54.45
N CYS B 206 -14.65 -12.46 -54.03
CA CYS B 206 -14.50 -12.96 -52.68
C CYS B 206 -13.01 -13.38 -52.44
N ASN B 207 -12.34 -12.85 -51.41
CA ASN B 207 -10.98 -13.33 -51.05
C ASN B 207 -10.95 -13.94 -49.66
N VAL B 208 -10.45 -15.18 -49.56
CA VAL B 208 -10.52 -15.89 -48.34
C VAL B 208 -9.17 -16.51 -48.03
N ALA B 209 -8.64 -16.15 -46.86
CA ALA B 209 -7.34 -16.67 -46.42
C ALA B 209 -7.51 -17.55 -45.16
N HIS B 210 -6.86 -18.72 -45.18
CA HIS B 210 -6.88 -19.59 -44.01
C HIS B 210 -5.45 -19.87 -43.56
N PRO B 211 -4.88 -18.98 -42.71
CA PRO B 211 -3.40 -19.04 -42.44
C PRO B 211 -2.97 -20.44 -42.01
N ALA B 212 -3.83 -21.14 -41.26
CA ALA B 212 -3.49 -22.44 -40.69
C ALA B 212 -3.24 -23.55 -41.72
N SER B 213 -3.76 -23.38 -42.92
CA SER B 213 -3.54 -24.35 -43.97
C SER B 213 -2.84 -23.65 -45.11
N SER B 214 -2.38 -22.41 -44.90
CA SER B 214 -1.70 -21.60 -45.93
C SER B 214 -2.48 -21.43 -47.24
N THR B 215 -3.80 -21.37 -47.15
CA THR B 215 -4.63 -21.17 -48.36
C THR B 215 -5.09 -19.72 -48.54
N LYS B 216 -5.10 -19.29 -49.81
CA LYS B 216 -5.68 -18.05 -50.29
C LYS B 216 -6.50 -18.36 -51.52
N VAL B 217 -7.80 -18.13 -51.49
CA VAL B 217 -8.58 -18.35 -52.71
C VAL B 217 -9.43 -17.15 -53.04
N ASP B 218 -9.66 -17.00 -54.33
CA ASP B 218 -10.47 -15.96 -54.88
C ASP B 218 -11.63 -16.57 -55.63
N LYS B 219 -12.84 -16.10 -55.33
CA LYS B 219 -14.02 -16.53 -56.07
C LYS B 219 -14.72 -15.30 -56.62
N LYS B 220 -14.64 -15.18 -57.95
CA LYS B 220 -15.38 -14.17 -58.68
C LYS B 220 -16.84 -14.49 -58.56
N ILE B 221 -17.67 -13.49 -58.27
CA ILE B 221 -19.11 -13.69 -58.34
C ILE B 221 -19.72 -13.46 -59.74
N GLU B 222 -20.26 -14.54 -60.33
CA GLU B 222 -20.76 -14.53 -61.71
C GLU B 222 -22.29 -14.59 -61.74
N PRO B 223 -22.94 -13.83 -62.63
CA PRO B 223 -24.40 -13.95 -62.78
C PRO B 223 -24.78 -15.38 -63.12
N ARG B 224 -25.92 -15.86 -62.61
CA ARG B 224 -26.38 -17.23 -62.88
C ARG B 224 -27.02 -17.36 -64.29
N GLY B 225 -27.04 -18.57 -64.84
CA GLY B 225 -27.58 -18.80 -66.21
C GLY B 225 -28.43 -20.05 -66.47
N PHE C 10 18.68 14.83 54.96
CA PHE C 10 17.87 16.09 54.84
C PHE C 10 16.40 15.78 54.55
N ALA C 11 15.50 16.76 54.77
CA ALA C 11 14.03 16.50 54.74
C ALA C 11 13.28 16.95 53.48
N SER C 12 13.78 17.98 52.81
CA SER C 12 13.18 18.43 51.55
C SER C 12 13.43 17.41 50.39
N GLN C 13 14.11 16.31 50.72
CA GLN C 13 14.37 15.21 49.81
C GLN C 13 13.09 14.41 49.59
N ALA C 14 12.10 14.69 50.43
CA ALA C 14 10.78 14.05 50.36
C ALA C 14 10.01 14.40 49.11
N VAL C 15 10.25 15.57 48.52
CA VAL C 15 9.48 16.06 47.34
C VAL C 15 9.74 15.23 46.08
N ALA C 16 10.74 14.36 46.12
CA ALA C 16 11.11 13.49 45.01
C ALA C 16 10.13 12.32 44.86
N LYS C 17 9.37 12.04 45.91
CA LYS C 17 8.45 10.89 45.94
C LYS C 17 7.31 10.99 44.91
N PRO C 18 6.60 12.14 44.85
CA PRO C 18 5.49 12.24 43.89
C PRO C 18 5.99 12.12 42.44
N TYR C 19 7.16 12.71 42.18
CA TYR C 19 7.82 12.58 40.89
C TYR C 19 8.08 11.13 40.50
N PHE C 20 8.72 10.35 41.37
CA PHE C 20 8.96 8.93 41.05
C PHE C 20 7.68 8.10 40.92
N VAL C 21 6.69 8.36 41.77
CA VAL C 21 5.47 7.60 41.72
C VAL C 21 4.73 7.92 40.41
N PHE C 22 4.61 9.20 40.07
CA PHE C 22 3.92 9.56 38.84
C PHE C 22 4.60 8.92 37.63
N ALA C 23 5.93 9.07 37.57
CA ALA C 23 6.75 8.50 36.49
C ALA C 23 6.38 7.05 36.26
N LEU C 24 6.25 6.27 37.34
CA LEU C 24 5.89 4.84 37.24
C LEU C 24 4.47 4.56 36.73
N ILE C 25 3.52 5.46 37.08
CA ILE C 25 2.12 5.38 36.61
C ILE C 25 2.09 5.61 35.09
N LEU C 26 2.85 6.62 34.67
CA LEU C 26 2.94 7.03 33.29
C LEU C 26 3.62 5.93 32.46
N PHE C 27 4.64 5.30 33.04
CA PHE C 27 5.35 4.14 32.47
C PHE C 27 4.38 2.98 32.17
N VAL C 28 3.50 2.65 33.11
CA VAL C 28 2.38 1.74 32.81
C VAL C 28 1.57 2.18 31.57
N GLY C 29 1.06 3.41 31.56
CA GLY C 29 0.36 3.96 30.39
C GLY C 29 1.14 3.76 29.08
N GLN C 30 2.42 4.07 29.14
CA GLN C 30 3.26 3.96 27.97
C GLN C 30 3.25 2.55 27.41
N ILE C 31 3.44 1.54 28.26
CA ILE C 31 3.45 0.13 27.81
C ILE C 31 2.11 -0.28 27.18
N LEU C 32 1.00 0.12 27.81
CA LEU C 32 -0.31 -0.22 27.30
C LEU C 32 -0.52 0.28 25.87
N PHE C 33 -0.06 1.50 25.57
CA PHE C 33 -0.21 2.02 24.23
C PHE C 33 0.82 1.40 23.26
N GLY C 34 1.97 0.97 23.78
CA GLY C 34 2.88 0.17 23.01
C GLY C 34 2.15 -1.08 22.54
N LEU C 35 1.50 -1.77 23.47
CA LEU C 35 0.81 -3.01 23.13
C LEU C 35 -0.34 -2.81 22.14
N ILE C 36 -1.02 -1.66 22.22
CA ILE C 36 -2.05 -1.33 21.24
C ILE C 36 -1.45 -1.23 19.83
N MET C 37 -0.39 -0.44 19.68
CA MET C 37 0.28 -0.29 18.38
C MET C 37 0.81 -1.59 17.83
N GLY C 38 1.41 -2.43 18.70
CA GLY C 38 1.95 -3.71 18.29
C GLY C 38 0.89 -4.66 17.73
N LEU C 39 -0.32 -4.61 18.25
CA LEU C 39 -1.44 -5.36 17.70
C LEU C 39 -1.89 -4.76 16.36
N GLN C 40 -1.89 -3.42 16.30
CA GLN C 40 -2.21 -2.66 15.07
C GLN C 40 -1.29 -3.03 13.92
N TYR C 41 -0.01 -3.29 14.21
CA TYR C 41 0.90 -3.80 13.16
C TYR C 41 0.31 -4.99 12.39
N VAL C 42 -0.31 -5.93 13.09
CA VAL C 42 -0.74 -7.21 12.49
C VAL C 42 -2.26 -7.39 12.35
N VAL C 43 -3.04 -6.60 13.07
CA VAL C 43 -4.46 -6.53 12.87
C VAL C 43 -4.67 -5.07 12.62
N GLY C 44 -4.50 -4.71 11.35
CA GLY C 44 -4.37 -3.32 10.95
C GLY C 44 -5.53 -2.40 11.26
N ASP C 45 -6.73 -2.95 11.42
CA ASP C 45 -7.89 -2.10 11.71
C ASP C 45 -8.30 -2.07 13.18
N PHE C 46 -7.55 -2.79 14.03
CA PHE C 46 -7.79 -2.77 15.46
C PHE C 46 -7.90 -1.37 16.07
N LEU C 47 -9.08 -1.12 16.67
CA LEU C 47 -9.41 0.14 17.33
C LEU C 47 -9.58 1.32 16.37
N PHE C 48 -9.77 1.01 15.10
CA PHE C 48 -9.91 2.02 14.08
C PHE C 48 -11.41 2.14 13.77
N PRO C 49 -11.92 3.37 13.54
CA PRO C 49 -11.24 4.67 13.48
C PRO C 49 -11.15 5.44 14.78
N ALA C 50 -11.60 4.82 15.89
CA ALA C 50 -11.58 5.47 17.20
C ALA C 50 -10.18 5.93 17.63
N ILE C 51 -9.22 5.01 17.66
CA ILE C 51 -7.84 5.38 17.99
C ILE C 51 -6.91 4.93 16.89
N PRO C 52 -6.75 5.77 15.87
CA PRO C 52 -5.84 5.45 14.78
C PRO C 52 -4.39 5.34 15.29
N PHE C 53 -3.61 4.48 14.64
CA PHE C 53 -2.22 4.22 14.98
C PHE C 53 -1.43 5.45 15.41
N ASN C 54 -1.50 6.53 14.66
CA ASN C 54 -0.72 7.70 14.99
C ASN C 54 -1.07 8.36 16.36
N VAL C 55 -2.35 8.27 16.75
CA VAL C 55 -2.80 8.79 18.04
C VAL C 55 -2.21 7.88 19.13
N ALA C 56 -2.35 6.56 18.96
CA ALA C 56 -1.73 5.64 19.89
C ALA C 56 -0.22 5.88 19.95
N ARG C 57 0.38 6.22 18.81
CA ARG C 57 1.81 6.42 18.78
C ARG C 57 2.25 7.65 19.57
N MET C 58 1.61 8.80 19.35
CA MET C 58 2.03 9.99 20.08
C MET C 58 1.79 9.87 21.58
N VAL C 59 0.75 9.10 21.98
CA VAL C 59 0.53 8.81 23.39
C VAL C 59 1.71 7.99 23.92
N HIS C 60 2.02 6.84 23.31
CA HIS C 60 3.22 6.03 23.63
C HIS C 60 4.49 6.84 23.69
N THR C 61 4.76 7.69 22.69
CA THR C 61 6.08 8.37 22.69
C THR C 61 6.14 9.57 23.65
N ASN C 62 5.02 10.32 23.79
CA ASN C 62 4.99 11.42 24.75
C ASN C 62 4.96 10.98 26.20
N LEU C 63 4.23 9.92 26.51
CA LEU C 63 4.34 9.33 27.85
C LEU C 63 5.75 8.86 28.16
N LEU C 64 6.50 8.36 27.17
CA LEU C 64 7.90 7.98 27.40
C LEU C 64 8.74 9.18 27.75
N ILE C 65 8.69 10.23 26.94
CA ILE C 65 9.51 11.39 27.25
C ILE C 65 9.10 12.02 28.62
N VAL C 66 7.81 12.26 28.82
CA VAL C 66 7.32 12.91 30.05
C VAL C 66 7.66 12.10 31.30
N TRP C 67 7.43 10.78 31.26
CA TRP C 67 7.78 10.00 32.45
C TRP C 67 9.28 10.04 32.78
N LEU C 68 10.13 9.95 31.76
CA LEU C 68 11.56 10.08 32.00
C LEU C 68 11.90 11.48 32.56
N LEU C 69 11.26 12.52 32.03
CA LEU C 69 11.48 13.88 32.55
C LEU C 69 11.13 13.99 34.03
N PHE C 70 9.97 13.44 34.39
CA PHE C 70 9.56 13.29 35.80
C PHE C 70 10.58 12.53 36.64
N GLY C 71 11.07 11.41 36.13
CA GLY C 71 12.13 10.65 36.79
C GLY C 71 13.37 11.50 37.01
N PHE C 72 13.76 12.30 36.00
CA PHE C 72 14.92 13.17 36.13
C PHE C 72 14.71 14.21 37.21
N MET C 73 13.52 14.83 37.27
CA MET C 73 13.29 15.85 38.26
C MET C 73 13.27 15.21 39.63
N GLY C 74 12.57 14.09 39.72
CA GLY C 74 12.66 13.23 40.90
C GLY C 74 14.11 13.05 41.33
N ALA C 75 14.95 12.54 40.42
CA ALA C 75 16.34 12.24 40.73
C ALA C 75 17.10 13.46 41.21
N ALA C 76 16.84 14.61 40.59
CA ALA C 76 17.49 15.84 41.00
C ALA C 76 17.06 16.26 42.42
N TYR C 77 15.74 16.36 42.63
CA TYR C 77 15.18 16.71 43.91
C TYR C 77 15.66 15.83 45.06
N TYR C 78 16.03 14.59 44.74
CA TYR C 78 16.55 13.74 45.79
C TYR C 78 18.03 14.00 46.08
N LEU C 79 18.88 13.95 45.05
CA LEU C 79 20.31 13.97 45.25
C LEU C 79 20.89 15.38 45.37
N VAL C 80 20.22 16.38 44.82
CA VAL C 80 20.78 17.73 44.88
C VAL C 80 20.88 18.30 46.32
N PRO C 81 19.83 18.14 47.15
CA PRO C 81 20.01 18.53 48.55
C PRO C 81 21.17 17.80 49.21
N GLU C 82 21.27 16.49 49.00
CA GLU C 82 22.32 15.70 49.63
C GLU C 82 23.73 16.01 49.13
N GLU C 83 23.85 16.60 47.94
CA GLU C 83 25.14 17.05 47.42
C GLU C 83 25.46 18.45 47.88
N SER C 84 24.45 19.32 47.91
CA SER C 84 24.64 20.72 48.25
C SER C 84 24.84 20.91 49.75
N ASP C 85 24.54 19.85 50.50
CA ASP C 85 24.66 19.83 51.96
C ASP C 85 23.67 20.80 52.64
N CYS C 86 22.54 21.07 51.98
CA CYS C 86 21.46 21.89 52.57
C CYS C 86 20.05 21.48 52.14
N GLU C 87 19.05 22.10 52.76
CA GLU C 87 17.66 21.91 52.36
C GLU C 87 17.48 22.46 50.95
N LEU C 88 16.61 21.82 50.18
CA LEU C 88 16.20 22.32 48.88
C LEU C 88 15.60 23.70 49.04
N TYR C 89 16.02 24.62 48.17
CA TYR C 89 15.50 25.97 48.18
C TYR C 89 14.00 26.10 48.50
N SER C 90 13.12 25.30 47.89
CA SER C 90 11.68 25.42 48.15
C SER C 90 10.87 24.14 47.98
N PRO C 91 10.65 23.39 49.09
CA PRO C 91 9.75 22.23 49.03
C PRO C 91 8.36 22.55 48.45
N LYS C 92 7.82 23.72 48.76
CA LYS C 92 6.48 24.05 48.28
C LYS C 92 6.47 24.35 46.75
N LEU C 93 7.59 24.85 46.21
CA LEU C 93 7.71 25.09 44.75
C LEU C 93 7.73 23.75 44.00
N ALA C 94 8.59 22.83 44.48
CA ALA C 94 8.60 21.46 44.01
C ALA C 94 7.19 20.86 43.93
N TRP C 95 6.32 21.22 44.88
CA TRP C 95 4.93 20.68 44.89
C TRP C 95 3.98 21.39 43.93
N ILE C 96 3.99 22.73 43.88
CA ILE C 96 3.21 23.42 42.83
C ILE C 96 3.64 22.94 41.43
N LEU C 97 4.95 22.94 41.17
CA LEU C 97 5.50 22.50 39.90
C LEU C 97 5.10 21.06 39.55
N PHE C 98 5.18 20.15 40.53
CA PHE C 98 4.70 18.79 40.29
C PHE C 98 3.28 18.76 39.72
N TRP C 99 2.35 19.44 40.41
CA TRP C 99 0.95 19.45 39.99
C TRP C 99 0.73 20.14 38.65
N VAL C 100 1.45 21.23 38.39
CA VAL C 100 1.34 21.93 37.10
C VAL C 100 1.81 21.02 35.93
N PHE C 101 2.96 20.38 36.11
CA PHE C 101 3.52 19.48 35.12
C PHE C 101 2.63 18.22 34.91
N ALA C 102 2.16 17.61 36.00
CA ALA C 102 1.20 16.49 35.91
C ALA C 102 -0.13 16.87 35.27
N ALA C 103 -0.60 18.10 35.47
CA ALA C 103 -1.87 18.52 34.84
C ALA C 103 -1.69 18.75 33.34
N ALA C 104 -0.61 19.43 32.98
CA ALA C 104 -0.26 19.72 31.58
C ALA C 104 0.03 18.45 30.77
N GLY C 105 0.62 17.45 31.42
CA GLY C 105 0.90 16.18 30.77
C GLY C 105 -0.41 15.47 30.44
N VAL C 106 -1.22 15.24 31.47
CA VAL C 106 -2.53 14.57 31.35
C VAL C 106 -3.44 15.32 30.37
N LEU C 107 -3.47 16.65 30.47
CA LEU C 107 -4.28 17.47 29.56
C LEU C 107 -3.87 17.31 28.08
N THR C 108 -2.57 17.31 27.80
CA THR C 108 -2.16 17.24 26.39
C THR C 108 -2.35 15.83 25.83
N ILE C 109 -2.10 14.80 26.65
CA ILE C 109 -2.43 13.42 26.32
C ILE C 109 -3.93 13.21 26.04
N LEU C 110 -4.79 13.81 26.86
CA LEU C 110 -6.25 13.76 26.64
C LEU C 110 -6.64 14.49 25.37
N GLY C 111 -5.95 15.59 25.09
CA GLY C 111 -6.08 16.27 23.81
C GLY C 111 -5.92 15.29 22.66
N TYR C 112 -4.82 14.55 22.66
CA TYR C 112 -4.52 13.60 21.60
C TYR C 112 -5.65 12.59 21.40
N LEU C 113 -6.17 12.05 22.50
CA LEU C 113 -7.12 10.95 22.39
C LEU C 113 -8.54 11.40 22.13
N LEU C 114 -8.84 12.66 22.36
CA LEU C 114 -10.26 13.10 22.41
C LEU C 114 -10.67 14.02 21.27
N VAL C 115 -9.71 14.64 20.61
CA VAL C 115 -10.00 15.43 19.43
C VAL C 115 -9.08 15.02 18.25
N PRO C 116 -9.66 14.86 17.04
CA PRO C 116 -8.77 14.57 15.92
C PRO C 116 -7.65 15.61 15.87
N TYR C 117 -6.46 15.18 15.51
CA TYR C 117 -5.30 16.05 15.55
C TYR C 117 -5.47 17.42 14.90
N ALA C 118 -6.09 17.48 13.72
CA ALA C 118 -6.19 18.78 13.04
C ALA C 118 -7.06 19.78 13.83
N GLY C 119 -8.08 19.21 14.48
CA GLY C 119 -9.01 19.92 15.35
C GLY C 119 -8.34 20.43 16.61
N LEU C 120 -7.54 19.57 17.23
CA LEU C 120 -6.71 19.98 18.37
C LEU C 120 -5.81 21.13 17.94
N ALA C 121 -5.35 21.08 16.68
CA ALA C 121 -4.48 22.12 16.11
C ALA C 121 -5.18 23.50 16.08
N ARG C 122 -6.30 23.55 15.36
CA ARG C 122 -7.23 24.67 15.35
C ARG C 122 -7.47 25.22 16.77
N LEU C 123 -8.13 24.39 17.58
CA LEU C 123 -8.42 24.63 18.99
C LEU C 123 -7.30 25.26 19.85
N THR C 124 -6.03 24.99 19.56
CA THR C 124 -4.96 25.58 20.37
C THR C 124 -4.27 26.74 19.65
N GLY C 125 -4.84 27.18 18.53
CA GLY C 125 -4.32 28.32 17.78
C GLY C 125 -2.93 28.11 17.20
N ASN C 126 -2.69 26.89 16.70
CA ASN C 126 -1.41 26.51 16.11
C ASN C 126 -1.05 27.30 14.86
N GLU C 127 -2.07 27.76 14.16
CA GLU C 127 -1.92 28.65 12.98
C GLU C 127 -1.02 29.87 13.25
N LEU C 128 -1.04 30.39 14.47
CA LEU C 128 -0.30 31.59 14.82
C LEU C 128 1.17 31.30 15.10
N TRP C 129 1.43 30.13 15.71
CA TRP C 129 2.79 29.68 15.99
C TRP C 129 2.89 28.17 15.68
N PRO C 130 3.02 27.79 14.39
CA PRO C 130 2.91 26.35 14.09
C PRO C 130 4.13 25.54 14.50
N THR C 131 3.98 24.70 15.54
CA THR C 131 5.04 23.83 16.05
C THR C 131 4.56 22.38 16.12
N MET C 132 3.28 22.17 15.84
CA MET C 132 2.68 20.85 16.00
C MET C 132 2.99 19.85 14.87
N GLY C 133 2.67 18.58 15.13
CA GLY C 133 2.78 17.55 14.10
C GLY C 133 4.19 17.24 13.63
N ARG C 134 5.17 17.43 14.54
CA ARG C 134 6.50 16.94 14.30
C ARG C 134 6.73 15.81 15.29
N GLU C 135 7.47 14.78 14.86
CA GLU C 135 7.69 13.61 15.70
C GLU C 135 8.28 14.03 17.06
N PHE C 136 7.71 13.48 18.12
CA PHE C 136 8.08 13.71 19.55
C PHE C 136 7.70 15.11 19.99
N LEU C 137 7.23 15.90 19.04
CA LEU C 137 6.92 17.31 19.27
C LEU C 137 5.47 17.59 18.93
N GLU C 138 4.61 16.61 19.18
CA GLU C 138 3.21 16.66 18.74
C GLU C 138 2.35 17.48 19.68
N GLN C 139 2.88 17.81 20.85
CA GLN C 139 2.17 18.64 21.81
C GLN C 139 1.92 20.07 21.28
N PRO C 140 0.69 20.61 21.49
CA PRO C 140 0.30 22.01 21.11
C PRO C 140 1.28 23.04 21.66
N THR C 141 1.44 24.18 20.99
CA THR C 141 2.45 25.18 21.42
C THR C 141 2.27 25.68 22.87
N ILE C 142 1.02 25.78 23.32
CA ILE C 142 0.68 26.09 24.73
C ILE C 142 1.27 25.06 25.70
N SER C 143 1.18 23.78 25.35
CA SER C 143 1.78 22.72 26.16
C SER C 143 3.28 22.88 26.17
N LYS C 144 3.87 23.11 25.00
CA LYS C 144 5.29 23.32 24.92
C LYS C 144 5.64 24.54 25.81
N ALA C 145 4.92 25.65 25.60
CA ALA C 145 5.12 26.89 26.39
C ALA C 145 5.03 26.61 27.90
N GLY C 146 3.98 25.92 28.31
CA GLY C 146 3.80 25.44 29.68
C GLY C 146 4.93 24.56 30.20
N ILE C 147 5.50 23.71 29.34
CA ILE C 147 6.64 22.85 29.71
C ILE C 147 7.89 23.68 30.00
N VAL C 148 8.12 24.72 29.20
CA VAL C 148 9.23 25.65 29.46
C VAL C 148 9.10 26.27 30.86
N ILE C 149 7.91 26.80 31.20
CA ILE C 149 7.67 27.43 32.52
C ILE C 149 8.01 26.47 33.67
N VAL C 150 7.45 25.26 33.64
CA VAL C 150 7.87 24.23 34.60
C VAL C 150 9.41 24.08 34.61
N ALA C 151 10.04 23.96 33.45
CA ALA C 151 11.51 23.87 33.41
C ALA C 151 12.22 25.03 34.14
N LEU C 152 11.77 26.27 33.86
CA LEU C 152 12.34 27.45 34.51
C LEU C 152 12.19 27.37 36.03
N GLY C 153 10.96 27.27 36.52
CA GLY C 153 10.69 26.94 37.93
C GLY C 153 11.63 25.88 38.46
N PHE C 154 11.57 24.70 37.89
CA PHE C 154 12.44 23.60 38.30
C PHE C 154 13.93 23.93 38.31
N LEU C 155 14.41 24.72 37.35
CA LEU C 155 15.84 25.02 37.31
C LEU C 155 16.23 26.00 38.42
N PHE C 156 15.40 27.03 38.60
CA PHE C 156 15.51 27.97 39.70
C PHE C 156 15.56 27.20 41.01
N ASN C 157 14.57 26.35 41.24
CA ASN C 157 14.47 25.57 42.48
C ASN C 157 15.74 24.77 42.79
N VAL C 158 16.16 23.94 41.85
CA VAL C 158 17.29 23.08 42.11
C VAL C 158 18.66 23.84 42.03
N GLY C 159 18.71 24.92 41.23
CA GLY C 159 19.94 25.64 40.94
C GLY C 159 20.26 26.70 41.98
N MET C 160 19.24 27.16 42.69
CA MET C 160 19.40 27.99 43.88
C MET C 160 20.03 27.17 44.99
N THR C 161 19.62 25.91 45.06
CA THR C 161 20.08 24.99 46.09
C THR C 161 21.55 24.71 45.93
N VAL C 162 22.03 24.60 44.69
CA VAL C 162 23.46 24.41 44.43
C VAL C 162 24.22 25.69 44.79
N LEU C 163 23.59 26.85 44.51
CA LEU C 163 24.26 28.13 44.71
C LEU C 163 24.60 28.40 46.17
N ARG C 164 23.60 28.27 47.03
CA ARG C 164 23.79 28.48 48.47
C ARG C 164 24.32 27.26 49.24
N GLY C 165 25.03 26.36 48.55
CA GLY C 165 25.50 25.15 49.20
C GLY C 165 26.85 24.70 48.69
N ARG C 166 27.21 23.47 49.04
CA ARG C 166 28.39 22.82 48.50
C ARG C 166 28.25 22.59 46.97
N LYS C 167 29.33 22.82 46.25
CA LYS C 167 29.39 22.48 44.86
C LYS C 167 30.21 21.21 44.73
N THR C 168 29.60 20.19 44.14
CA THR C 168 30.32 18.97 43.80
C THR C 168 30.30 18.85 42.27
N ALA C 169 31.26 18.10 41.71
CA ALA C 169 31.27 17.82 40.27
C ALA C 169 29.95 17.12 39.87
N ILE C 170 29.54 16.08 40.62
CA ILE C 170 28.25 15.40 40.38
C ILE C 170 27.10 16.38 40.13
N SER C 171 26.84 17.26 41.11
CA SER C 171 25.73 18.19 41.00
C SER C 171 25.96 19.22 39.89
N MET C 172 27.22 19.62 39.70
CA MET C 172 27.59 20.53 38.60
C MET C 172 27.22 19.98 37.19
N VAL C 173 27.69 18.78 36.91
CA VAL C 173 27.41 18.02 35.70
C VAL C 173 25.89 17.81 35.51
N LEU C 174 25.18 17.40 36.58
CA LEU C 174 23.71 17.30 36.55
C LEU C 174 23.11 18.62 36.11
N MET C 175 23.46 19.70 36.79
CA MET C 175 22.87 21.00 36.46
C MET C 175 23.10 21.39 35.01
N THR C 176 24.32 21.14 34.51
CA THR C 176 24.69 21.44 33.11
C THR C 176 23.80 20.67 32.12
N GLY C 177 23.65 19.35 32.36
CA GLY C 177 22.69 18.50 31.62
C GLY C 177 21.27 19.04 31.71
N LEU C 178 20.83 19.31 32.93
CA LEU C 178 19.50 19.86 33.12
C LEU C 178 19.30 21.17 32.37
N ILE C 179 20.28 22.07 32.41
CA ILE C 179 20.12 23.38 31.78
C ILE C 179 20.10 23.20 30.27
N GLY C 180 21.09 22.45 29.78
CA GLY C 180 21.19 22.13 28.36
C GLY C 180 19.94 21.47 27.78
N LEU C 181 19.34 20.55 28.53
CA LEU C 181 18.06 19.95 28.13
C LEU C 181 16.97 21.02 27.88
N ALA C 182 16.83 21.98 28.79
CA ALA C 182 15.79 23.02 28.66
C ALA C 182 16.12 23.99 27.52
N LEU C 183 17.38 24.40 27.44
CA LEU C 183 17.86 25.25 26.35
C LEU C 183 17.55 24.63 24.98
N LEU C 184 18.11 23.46 24.69
CA LEU C 184 17.84 22.76 23.43
C LEU C 184 16.33 22.57 23.16
N PHE C 185 15.52 22.38 24.20
CA PHE C 185 14.06 22.30 24.01
C PHE C 185 13.44 23.53 23.34
N LEU C 186 14.14 24.66 23.41
CA LEU C 186 13.65 25.88 22.80
C LEU C 186 13.63 25.76 21.29
N PHE C 187 14.40 24.82 20.77
CA PHE C 187 14.41 24.62 19.32
C PHE C 187 13.11 24.00 18.79
N SER C 188 12.32 23.41 19.67
CA SER C 188 11.01 22.92 19.29
C SER C 188 10.07 24.05 18.88
N PHE C 189 10.37 25.29 19.30
CA PHE C 189 9.55 26.44 18.91
C PHE C 189 9.94 26.90 17.53
N TYR C 190 11.10 26.45 17.09
CA TYR C 190 11.62 26.79 15.77
C TYR C 190 11.20 25.73 14.73
N ASN C 191 10.23 26.11 13.89
CA ASN C 191 9.68 25.30 12.83
C ASN C 191 9.85 25.92 11.44
N PRO C 192 11.07 25.79 10.82
CA PRO C 192 11.35 26.40 9.51
C PRO C 192 10.38 25.96 8.43
N GLU C 193 10.15 26.85 7.47
CA GLU C 193 9.30 26.53 6.34
C GLU C 193 9.98 25.55 5.37
N ASN C 194 11.31 25.59 5.30
CA ASN C 194 12.04 24.63 4.49
C ASN C 194 12.21 23.25 5.17
N LEU C 195 11.78 22.19 4.47
CA LEU C 195 11.72 20.85 5.06
C LEU C 195 13.06 20.38 5.63
N THR C 196 14.14 20.54 4.87
CA THR C 196 15.41 20.01 5.35
C THR C 196 15.97 20.82 6.51
N ARG C 197 15.68 22.11 6.51
CA ARG C 197 15.99 22.99 7.64
C ARG C 197 15.28 22.57 8.90
N ASP C 198 13.98 22.28 8.74
CA ASP C 198 13.12 21.76 9.80
C ASP C 198 13.75 20.49 10.36
N LYS C 199 14.15 19.57 9.49
CA LYS C 199 14.79 18.33 9.95
C LYS C 199 16.15 18.61 10.57
N PHE C 200 16.95 19.47 9.93
CA PHE C 200 18.25 19.82 10.48
C PHE C 200 18.14 20.27 11.96
N TYR C 201 17.22 21.18 12.26
CA TYR C 201 17.12 21.71 13.63
C TYR C 201 16.37 20.82 14.60
N TRP C 202 15.54 19.94 14.06
CA TRP C 202 14.79 18.96 14.86
C TRP C 202 15.73 18.07 15.67
N TRP C 203 16.81 17.62 15.05
CA TRP C 203 17.82 16.79 15.70
C TRP C 203 18.55 17.49 16.86
N TRP C 204 18.57 18.84 16.86
CA TRP C 204 19.18 19.61 17.94
C TRP C 204 18.41 19.36 19.23
N VAL C 205 17.12 19.09 19.11
CA VAL C 205 16.36 18.58 20.25
C VAL C 205 16.69 17.10 20.48
N VAL C 206 16.39 16.25 19.51
CA VAL C 206 16.40 14.82 19.75
C VAL C 206 17.80 14.23 19.98
N HIS C 207 18.72 14.44 19.05
CA HIS C 207 20.07 13.88 19.20
C HIS C 207 20.90 14.54 20.29
N LEU C 208 20.85 15.87 20.38
CA LEU C 208 21.68 16.57 21.36
C LEU C 208 21.15 16.38 22.76
N TRP C 209 19.89 15.96 22.87
CA TRP C 209 19.40 15.49 24.16
C TRP C 209 20.09 14.16 24.45
N VAL C 210 19.60 13.16 23.77
CA VAL C 210 19.73 11.76 24.11
C VAL C 210 21.18 11.24 23.97
N GLU C 211 21.92 11.80 23.02
CA GLU C 211 23.35 11.45 22.90
C GLU C 211 24.28 12.57 23.42
N GLY C 212 23.71 13.59 24.09
CA GLY C 212 24.54 14.70 24.62
C GLY C 212 24.21 15.04 26.05
N VAL C 213 23.33 16.01 26.17
CA VAL C 213 22.93 16.55 27.41
C VAL C 213 22.31 15.51 28.40
N TRP C 214 21.45 14.62 27.90
CA TRP C 214 20.90 13.53 28.73
C TRP C 214 21.98 12.59 29.22
N GLU C 215 23.08 12.51 28.49
CA GLU C 215 24.15 11.57 28.88
C GLU C 215 24.87 12.12 30.11
N LEU C 216 24.92 13.46 30.21
CA LEU C 216 25.37 14.18 31.41
C LEU C 216 24.47 13.88 32.61
N ILE C 217 23.15 13.92 32.38
CA ILE C 217 22.17 13.64 33.46
C ILE C 217 22.37 12.22 33.94
N MET C 218 22.35 11.28 33.01
CA MET C 218 22.47 9.87 33.38
C MET C 218 23.81 9.58 34.08
N GLY C 219 24.92 10.14 33.59
CA GLY C 219 26.25 9.94 34.18
C GLY C 219 26.26 10.40 35.65
N ALA C 220 25.77 11.62 35.85
CA ALA C 220 25.63 12.19 37.19
C ALA C 220 24.84 11.28 38.13
N ILE C 221 23.68 10.82 37.69
CA ILE C 221 22.86 9.92 38.52
C ILE C 221 23.60 8.61 38.78
N LEU C 222 24.21 8.04 37.75
CA LEU C 222 25.00 6.84 37.95
C LEU C 222 26.10 7.10 38.98
N ALA C 223 26.84 8.21 38.81
CA ALA C 223 27.97 8.51 39.69
C ALA C 223 27.52 8.70 41.14
N PHE C 224 26.52 9.55 41.37
CA PHE C 224 25.93 9.69 42.71
C PHE C 224 25.59 8.35 43.39
N VAL C 225 24.86 7.52 42.68
CA VAL C 225 24.46 6.23 43.18
C VAL C 225 25.67 5.35 43.45
N LEU C 226 26.69 5.43 42.60
CA LEU C 226 27.90 4.64 42.84
C LEU C 226 28.59 5.16 44.09
N VAL C 227 28.63 6.48 44.27
CA VAL C 227 29.24 7.09 45.48
C VAL C 227 28.55 6.53 46.72
N LYS C 228 27.22 6.54 46.72
CA LYS C 228 26.42 6.13 47.88
C LYS C 228 26.36 4.61 48.15
N ILE C 229 26.66 3.79 47.16
CA ILE C 229 26.44 2.32 47.28
C ILE C 229 27.76 1.57 47.41
N THR C 230 28.84 2.30 47.17
CA THR C 230 30.13 1.69 46.97
C THR C 230 31.15 2.11 48.05
N GLY C 231 31.03 3.34 48.54
CA GLY C 231 31.99 3.91 49.49
C GLY C 231 33.37 4.14 48.89
N VAL C 232 33.48 4.05 47.57
CA VAL C 232 34.70 4.41 46.85
C VAL C 232 34.72 5.93 46.80
N ASP C 233 35.92 6.51 46.86
CA ASP C 233 36.13 7.96 47.11
C ASP C 233 35.56 8.88 46.04
N ARG C 234 34.78 9.85 46.49
CA ARG C 234 34.19 10.85 45.61
C ARG C 234 35.16 11.32 44.50
N GLU C 235 36.42 11.51 44.86
CA GLU C 235 37.44 12.08 43.96
C GLU C 235 37.67 11.24 42.70
N VAL C 236 37.79 9.92 42.85
CA VAL C 236 38.01 9.09 41.66
C VAL C 236 36.75 8.96 40.79
N ILE C 237 35.60 8.72 41.43
CA ILE C 237 34.30 8.67 40.76
C ILE C 237 34.09 9.92 39.89
N GLU C 238 34.33 11.10 40.47
CA GLU C 238 34.07 12.37 39.78
C GLU C 238 35.02 12.59 38.62
N LYS C 239 36.22 12.03 38.72
CA LYS C 239 37.20 12.05 37.65
C LYS C 239 36.71 11.22 36.45
N TRP C 240 36.25 10.00 36.71
CA TRP C 240 35.77 9.19 35.62
C TRP C 240 34.55 9.82 35.01
N LEU C 241 33.66 10.39 35.83
CA LEU C 241 32.49 11.09 35.31
C LEU C 241 32.92 12.07 34.24
N TYR C 242 34.00 12.83 34.50
CA TYR C 242 34.44 13.83 33.57
C TYR C 242 35.00 13.21 32.30
N VAL C 243 35.69 12.09 32.44
CA VAL C 243 36.15 11.34 31.27
C VAL C 243 34.93 10.94 30.39
N ILE C 244 33.91 10.37 31.03
CA ILE C 244 32.76 9.80 30.34
C ILE C 244 32.02 10.85 29.56
N ILE C 245 31.72 11.97 30.20
CA ILE C 245 31.04 13.06 29.53
C ILE C 245 31.93 13.79 28.54
N ALA C 246 33.24 13.73 28.73
CA ALA C 246 34.14 14.30 27.74
C ALA C 246 34.03 13.48 26.45
N MET C 247 34.03 12.17 26.61
CA MET C 247 33.91 11.29 25.47
C MET C 247 32.55 11.40 24.77
N ALA C 248 31.46 11.47 25.57
CA ALA C 248 30.11 11.76 25.04
C ALA C 248 30.08 12.96 24.10
N LEU C 249 30.57 14.13 24.54
CA LEU C 249 30.47 15.36 23.70
C LEU C 249 31.51 15.50 22.60
N ILE C 250 32.66 14.86 22.78
CA ILE C 250 33.67 14.84 21.72
C ILE C 250 33.21 13.96 20.55
N SER C 251 32.65 12.80 20.88
CA SER C 251 32.07 11.99 19.82
C SER C 251 30.70 12.54 19.33
N GLY C 252 29.83 12.91 20.27
CA GLY C 252 28.43 13.17 19.95
C GLY C 252 28.02 14.46 19.25
N ILE C 253 28.79 15.54 19.45
CA ILE C 253 28.40 16.85 18.89
C ILE C 253 28.48 16.86 17.35
N ILE C 254 29.62 16.46 16.78
CA ILE C 254 29.73 16.28 15.33
C ILE C 254 28.92 15.02 14.94
N GLY C 255 28.91 14.03 15.83
CA GLY C 255 28.02 12.87 15.77
C GLY C 255 26.59 13.10 15.28
N THR C 256 25.98 14.22 15.69
CA THR C 256 24.68 14.64 15.13
C THR C 256 24.58 14.39 13.60
N GLY C 257 25.73 14.45 12.94
CA GLY C 257 25.85 14.26 11.50
C GLY C 257 25.31 12.91 10.98
N HIS C 258 25.25 11.88 11.83
CA HIS C 258 24.72 10.61 11.39
C HIS C 258 23.22 10.68 11.19
N HIS C 259 22.62 11.85 11.47
CA HIS C 259 21.21 12.10 11.11
C HIS C 259 21.10 13.02 9.91
N TYR C 260 22.23 13.29 9.26
CA TYR C 260 22.32 14.32 8.22
C TYR C 260 22.75 13.71 6.88
N PHE C 261 22.59 12.40 6.78
CA PHE C 261 22.96 11.68 5.58
C PHE C 261 21.99 11.99 4.43
N TRP C 262 20.67 11.88 4.69
CA TRP C 262 19.71 11.85 3.61
C TRP C 262 18.62 12.91 3.73
N ILE C 263 18.83 13.92 4.56
CA ILE C 263 17.78 14.93 4.77
C ILE C 263 17.88 16.09 3.76
N GLY C 264 18.98 16.14 3.03
CA GLY C 264 19.22 17.19 2.05
C GLY C 264 20.35 18.18 2.35
N VAL C 265 21.23 17.82 3.29
CA VAL C 265 22.40 18.64 3.61
C VAL C 265 23.66 18.10 2.86
N PRO C 266 24.77 18.91 2.81
CA PRO C 266 25.91 18.49 1.99
C PRO C 266 26.52 17.15 2.37
N GLY C 267 27.06 16.47 1.36
CA GLY C 267 27.68 15.17 1.52
C GLY C 267 28.89 15.09 2.43
N TYR C 268 29.44 16.23 2.85
CA TYR C 268 30.51 16.14 3.87
C TYR C 268 29.99 15.49 5.18
N TRP C 269 28.69 15.63 5.43
CA TRP C 269 28.13 15.05 6.63
C TRP C 269 28.22 13.54 6.63
N LEU C 270 28.30 12.98 5.42
CA LEU C 270 28.43 11.55 5.27
C LEU C 270 29.68 11.07 5.98
N TRP C 271 30.76 11.84 5.83
CA TRP C 271 32.02 11.48 6.45
C TRP C 271 32.01 11.88 7.92
N LEU C 272 31.69 13.14 8.19
CA LEU C 272 31.66 13.64 9.55
C LEU C 272 30.76 12.82 10.45
N GLY C 273 29.54 12.56 9.98
CA GLY C 273 28.56 11.74 10.69
C GLY C 273 29.05 10.34 10.95
N SER C 274 29.60 9.67 9.95
CA SER C 274 30.05 8.28 10.10
C SER C 274 31.26 8.16 11.02
N VAL C 275 32.23 9.08 10.87
CA VAL C 275 33.47 8.99 11.64
C VAL C 275 33.32 9.35 13.14
N PHE C 276 32.60 10.42 13.46
CA PHE C 276 32.47 10.78 14.87
C PHE C 276 31.52 9.85 15.61
N SER C 277 30.51 9.37 14.90
CA SER C 277 29.58 8.37 15.42
C SER C 277 30.19 7.03 15.69
N ALA C 278 31.16 6.62 14.86
CA ALA C 278 31.91 5.38 15.12
C ALA C 278 32.43 5.36 16.57
N LEU C 279 32.79 6.54 17.10
CA LEU C 279 33.31 6.73 18.46
C LEU C 279 32.25 6.90 19.58
N GLU C 280 31.01 7.22 19.24
CA GLU C 280 29.92 7.39 20.26
C GLU C 280 29.58 6.21 21.20
N PRO C 281 29.97 4.97 20.82
CA PRO C 281 29.89 3.86 21.79
C PRO C 281 30.83 4.01 23.01
N LEU C 282 31.90 4.81 22.89
CA LEU C 282 32.95 4.80 23.91
C LEU C 282 32.46 5.20 25.29
N PRO C 283 31.71 6.32 25.41
CA PRO C 283 31.20 6.69 26.73
C PRO C 283 30.38 5.57 27.40
N PHE C 284 29.52 4.88 26.63
CA PHE C 284 28.76 3.74 27.17
C PHE C 284 29.69 2.57 27.55
N PHE C 285 30.74 2.32 26.76
CA PHE C 285 31.71 1.33 27.19
C PHE C 285 32.35 1.72 28.53
N ALA C 286 32.77 2.97 28.63
CA ALA C 286 33.36 3.51 29.85
C ALA C 286 32.39 3.43 31.03
N MET C 287 31.09 3.69 30.81
CA MET C 287 30.13 3.52 31.90
C MET C 287 30.05 2.08 32.40
N VAL C 288 30.27 1.12 31.52
CA VAL C 288 30.35 -0.28 31.94
C VAL C 288 31.62 -0.51 32.77
N LEU C 289 32.77 0.00 32.34
CA LEU C 289 33.97 -0.14 33.17
C LEU C 289 33.78 0.59 34.52
N PHE C 290 33.30 1.84 34.49
CA PHE C 290 32.85 2.61 35.65
C PHE C 290 32.05 1.82 36.70
N ALA C 291 30.88 1.33 36.31
CA ALA C 291 29.99 0.69 37.28
C ALA C 291 30.57 -0.63 37.77
N PHE C 292 31.17 -1.39 36.87
CA PHE C 292 31.65 -2.73 37.20
C PHE C 292 32.85 -2.66 38.14
N ASN C 293 33.80 -1.77 37.82
CA ASN C 293 35.01 -1.56 38.59
C ASN C 293 34.79 -0.99 39.97
N THR C 294 34.04 0.11 40.04
CA THR C 294 33.76 0.73 41.31
C THR C 294 32.85 -0.15 42.17
N ILE C 295 32.02 -0.99 41.56
CA ILE C 295 31.26 -1.98 42.35
C ILE C 295 32.09 -3.17 42.85
N ASN C 296 33.07 -3.63 42.08
CA ASN C 296 33.92 -4.73 42.54
C ASN C 296 35.10 -4.27 43.45
N ARG C 297 35.59 -3.04 43.26
CA ARG C 297 36.47 -2.40 44.25
C ARG C 297 35.63 -1.77 45.40
N ARG C 298 34.43 -2.30 45.65
CA ARG C 298 33.53 -1.79 46.71
C ARG C 298 34.08 -1.96 48.13
N ARG C 299 34.34 -0.82 48.76
CA ARG C 299 34.88 -0.79 50.11
C ARG C 299 33.88 -1.26 51.19
N ARG C 300 32.61 -1.42 50.83
CA ARG C 300 31.59 -1.90 51.77
C ARG C 300 30.45 -2.70 51.11
N ASP C 301 29.63 -3.33 51.94
CA ASP C 301 28.42 -4.02 51.47
C ASP C 301 27.18 -3.18 51.70
N TYR C 302 26.20 -3.34 50.81
CA TYR C 302 25.00 -2.52 50.84
C TYR C 302 23.73 -3.39 50.96
N PRO C 303 22.86 -3.10 51.94
CA PRO C 303 21.73 -3.99 52.28
C PRO C 303 20.69 -4.21 51.16
N ASN C 304 20.73 -3.34 50.14
CA ASN C 304 19.85 -3.39 48.97
C ASN C 304 20.63 -3.87 47.76
N ARG C 305 20.54 -5.18 47.47
CA ARG C 305 21.34 -5.81 46.42
C ARG C 305 20.79 -5.46 45.03
N ALA C 306 19.55 -5.00 45.00
CA ALA C 306 18.87 -4.62 43.76
C ALA C 306 19.46 -3.38 43.07
N VAL C 307 19.74 -2.33 43.84
CA VAL C 307 20.33 -1.12 43.26
C VAL C 307 21.60 -1.50 42.51
N ALA C 308 22.43 -2.36 43.10
CA ALA C 308 23.70 -2.71 42.48
C ALA C 308 23.44 -3.34 41.12
N LEU C 309 22.42 -4.19 41.05
CA LEU C 309 21.94 -4.84 39.82
C LEU C 309 21.39 -3.82 38.84
N TRP C 310 20.49 -2.94 39.28
CA TRP C 310 20.04 -1.84 38.42
C TRP C 310 21.22 -1.05 37.81
N ALA C 311 22.17 -0.63 38.63
CA ALA C 311 23.33 0.08 38.11
C ALA C 311 24.17 -0.70 37.10
N MET C 312 24.52 -1.95 37.35
CA MET C 312 25.30 -2.72 36.36
C MET C 312 24.47 -2.93 35.07
N GLY C 313 23.19 -3.27 35.26
CA GLY C 313 22.28 -3.56 34.16
C GLY C 313 22.11 -2.38 33.21
N THR C 314 21.81 -1.22 33.79
CA THR C 314 21.74 0.03 33.05
C THR C 314 22.91 0.19 32.10
N THR C 315 24.12 0.12 32.65
CA THR C 315 25.30 0.31 31.82
C THR C 315 25.45 -0.76 30.72
N VAL C 316 25.14 -2.04 31.00
CA VAL C 316 25.30 -3.06 29.96
C VAL C 316 24.28 -2.89 28.82
N MET C 317 23.01 -2.67 29.19
CA MET C 317 21.92 -2.38 28.26
C MET C 317 22.06 -1.11 27.42
N ALA C 318 22.56 -0.02 28.03
CA ALA C 318 22.80 1.23 27.31
C ALA C 318 23.93 1.00 26.30
N PHE C 319 24.95 0.28 26.73
CA PHE C 319 26.02 -0.05 25.81
C PHE C 319 25.55 -0.97 24.64
N LEU C 320 24.78 -2.03 24.93
CA LEU C 320 24.20 -2.88 23.87
C LEU C 320 23.31 -2.06 22.94
N GLY C 321 22.37 -1.32 23.55
CA GLY C 321 21.33 -0.60 22.83
C GLY C 321 21.77 0.66 22.11
N ALA C 322 22.56 1.48 22.78
CA ALA C 322 23.03 2.71 22.17
C ALA C 322 24.33 2.38 21.46
N GLY C 323 25.26 1.72 22.16
CA GLY C 323 26.57 1.42 21.58
C GLY C 323 26.60 0.43 20.42
N VAL C 324 26.14 -0.80 20.64
CA VAL C 324 26.28 -1.83 19.62
C VAL C 324 25.25 -1.61 18.52
N TRP C 325 23.97 -1.58 18.88
CA TRP C 325 22.95 -1.26 17.88
C TRP C 325 23.18 0.10 17.19
N GLY C 326 23.59 1.14 17.93
CA GLY C 326 23.85 2.45 17.32
C GLY C 326 24.92 2.30 16.26
N PHE C 327 26.02 1.68 16.63
CA PHE C 327 27.17 1.58 15.73
C PHE C 327 26.79 0.77 14.49
N MET C 328 26.05 -0.31 14.74
CA MET C 328 25.62 -1.24 13.70
C MET C 328 24.96 -0.57 12.50
N HIS C 329 24.28 0.57 12.72
CA HIS C 329 23.67 1.32 11.62
C HIS C 329 24.14 2.77 11.42
N THR C 330 25.28 3.13 12.03
CA THR C 330 25.74 4.52 12.05
C THR C 330 26.63 4.91 10.88
N LEU C 331 27.13 3.91 10.14
CA LEU C 331 27.99 4.17 9.04
C LEU C 331 27.15 4.42 7.79
N ALA C 332 27.44 5.52 7.11
CA ALA C 332 26.57 5.97 6.02
C ALA C 332 26.33 4.86 4.98
N PRO C 333 27.39 4.20 4.48
CA PRO C 333 27.10 3.16 3.51
C PRO C 333 26.10 2.12 3.97
N VAL C 334 26.02 1.87 5.28
CA VAL C 334 25.02 0.93 5.80
C VAL C 334 23.66 1.64 6.03
N ASN C 335 23.72 2.83 6.62
CA ASN C 335 22.52 3.56 6.97
C ASN C 335 21.68 3.85 5.74
N TYR C 336 22.34 3.94 4.58
CA TYR C 336 21.66 4.14 3.31
C TYR C 336 20.54 3.14 3.07
N TYR C 337 20.80 1.90 3.48
CA TYR C 337 19.86 0.81 3.30
C TYR C 337 18.89 0.65 4.46
N THR C 338 19.31 1.04 5.68
CA THR C 338 18.53 0.69 6.87
C THR C 338 17.75 1.88 7.38
N HIS C 339 18.01 3.07 6.84
CA HIS C 339 17.38 4.31 7.30
C HIS C 339 15.85 4.21 7.30
N GLY C 340 15.23 4.39 8.45
CA GLY C 340 13.77 4.46 8.55
C GLY C 340 13.06 3.13 8.37
N THR C 341 13.56 2.16 9.10
CA THR C 341 13.31 0.78 8.92
C THR C 341 13.02 0.23 10.31
N GLN C 342 12.53 -1.00 10.41
CA GLN C 342 12.38 -1.66 11.69
C GLN C 342 13.71 -1.73 12.50
N LEU C 343 14.87 -1.77 11.87
CA LEU C 343 16.15 -1.64 12.59
C LEU C 343 16.21 -0.40 13.45
N THR C 344 15.68 0.70 12.92
CA THR C 344 15.66 1.98 13.63
C THR C 344 14.83 1.79 14.87
N ALA C 345 13.64 1.20 14.72
CA ALA C 345 12.77 0.96 15.87
C ALA C 345 13.44 0.05 16.90
N ALA C 346 14.22 -0.94 16.43
CA ALA C 346 14.93 -1.87 17.33
C ALA C 346 15.99 -1.14 18.17
N HIS C 347 16.95 -0.49 17.52
CA HIS C 347 17.90 0.38 18.18
C HIS C 347 17.16 1.32 19.15
N GLY C 348 16.12 1.99 18.68
CA GLY C 348 15.48 2.99 19.53
C GLY C 348 14.91 2.46 20.82
N HIS C 349 14.29 1.28 20.75
CA HIS C 349 13.73 0.63 21.94
C HIS C 349 14.80 0.27 22.96
N MET C 350 15.87 -0.36 22.50
CA MET C 350 16.88 -0.80 23.43
C MET C 350 17.68 0.36 24.01
N ALA C 351 18.05 1.34 23.18
CA ALA C 351 18.79 2.50 23.67
C ALA C 351 17.97 3.27 24.73
N PHE C 352 16.72 3.62 24.40
CA PHE C 352 15.92 4.41 25.33
C PHE C 352 15.68 3.67 26.62
N TYR C 353 15.47 2.35 26.53
CA TYR C 353 15.20 1.55 27.72
C TYR C 353 16.48 1.38 28.56
N GLY C 354 17.56 0.94 27.92
CA GLY C 354 18.80 0.59 28.61
C GLY C 354 19.47 1.77 29.30
N ALA C 355 19.51 2.92 28.61
CA ALA C 355 20.19 4.09 29.13
C ALA C 355 19.24 4.74 30.10
N TYR C 356 18.05 5.11 29.64
CA TYR C 356 17.24 6.08 30.37
C TYR C 356 16.12 5.55 31.24
N ALA C 357 15.31 4.64 30.74
CA ALA C 357 14.38 3.98 31.65
C ALA C 357 15.12 3.26 32.82
N MET C 358 16.20 2.54 32.51
CA MET C 358 16.94 1.83 33.53
C MET C 358 17.61 2.74 34.59
N ILE C 359 18.23 3.85 34.18
CA ILE C 359 18.83 4.76 35.16
C ILE C 359 17.74 5.40 36.05
N VAL C 360 16.56 5.68 35.52
CA VAL C 360 15.50 6.12 36.42
C VAL C 360 15.11 5.04 37.44
N MET C 361 14.78 3.83 36.98
CA MET C 361 14.53 2.74 37.95
C MET C 361 15.67 2.48 38.98
N THR C 362 16.92 2.78 38.62
CA THR C 362 18.10 2.63 39.47
C THR C 362 18.09 3.61 40.65
N ILE C 363 17.80 4.87 40.36
CA ILE C 363 17.77 5.87 41.38
C ILE C 363 16.54 5.65 42.29
N ILE C 364 15.41 5.27 41.69
CA ILE C 364 14.24 4.86 42.47
C ILE C 364 14.57 3.68 43.41
N SER C 365 15.29 2.68 42.90
CA SER C 365 15.74 1.55 43.72
C SER C 365 16.49 2.04 44.95
N TYR C 366 17.42 2.98 44.76
CA TYR C 366 18.17 3.55 45.87
C TYR C 366 17.29 4.43 46.77
N ALA C 367 16.53 5.35 46.19
CA ALA C 367 15.90 6.41 46.96
C ALA C 367 14.54 6.07 47.59
N MET C 368 13.77 5.16 46.98
CA MET C 368 12.44 4.78 47.51
C MET C 368 12.34 4.33 48.99
N PRO C 369 13.12 3.31 49.38
CA PRO C 369 12.95 2.81 50.74
C PRO C 369 13.18 3.91 51.82
N ARG C 370 14.20 4.74 51.61
CA ARG C 370 14.49 5.83 52.50
C ARG C 370 13.65 7.11 52.27
N LEU C 371 12.84 7.17 51.24
CA LEU C 371 11.88 8.27 51.10
C LEU C 371 10.61 7.87 51.85
N ARG C 372 10.37 6.57 51.88
CA ARG C 372 9.23 5.97 52.55
C ARG C 372 9.60 5.62 54.00
N GLY C 373 10.62 6.29 54.54
CA GLY C 373 11.14 6.02 55.87
C GLY C 373 11.14 4.56 56.27
N ILE C 374 11.64 3.69 55.40
CA ILE C 374 11.74 2.23 55.67
C ILE C 374 13.19 1.82 55.90
N GLY C 375 14.13 2.67 55.50
CA GLY C 375 15.55 2.39 55.64
C GLY C 375 16.28 2.33 54.32
N GLU C 376 17.47 1.74 54.35
CA GLU C 376 18.34 1.62 53.19
C GLU C 376 17.77 0.68 52.13
N ALA C 377 17.21 -0.42 52.60
CA ALA C 377 16.72 -1.52 51.76
C ALA C 377 15.32 -1.97 52.16
N MET C 378 14.71 -2.74 51.28
CA MET C 378 13.40 -3.31 51.56
C MET C 378 13.63 -4.69 52.15
N ASP C 379 12.57 -5.28 52.74
CA ASP C 379 12.64 -6.63 53.29
C ASP C 379 12.99 -7.61 52.18
N ASN C 380 13.54 -8.77 52.53
CA ASN C 380 14.10 -9.66 51.50
C ASN C 380 13.11 -10.33 50.53
N ARG C 381 11.81 -10.23 50.81
CA ARG C 381 10.77 -10.69 49.85
C ARG C 381 10.57 -9.64 48.72
N SER C 382 10.42 -8.38 49.10
CA SER C 382 10.36 -7.28 48.15
C SER C 382 11.61 -7.18 47.26
N GLN C 383 12.78 -7.50 47.81
CA GLN C 383 14.02 -7.46 47.03
C GLN C 383 14.09 -8.51 45.91
N VAL C 384 13.47 -9.67 46.09
CA VAL C 384 13.46 -10.67 45.02
C VAL C 384 12.46 -10.35 43.88
N LEU C 385 11.31 -9.75 44.22
CA LEU C 385 10.36 -9.18 43.25
C LEU C 385 11.01 -8.13 42.32
N GLU C 386 11.64 -7.10 42.90
CA GLU C 386 12.42 -6.12 42.15
C GLU C 386 13.36 -6.83 41.18
N MET C 387 14.19 -7.75 41.69
CA MET C 387 15.08 -8.52 40.82
C MET C 387 14.36 -9.28 39.67
N TRP C 388 13.20 -9.89 39.97
CA TRP C 388 12.39 -10.58 38.97
C TRP C 388 11.89 -9.62 37.89
N GLY C 389 11.22 -8.53 38.31
CA GLY C 389 10.80 -7.47 37.40
C GLY C 389 11.93 -6.83 36.59
N PHE C 390 13.14 -6.84 37.12
CA PHE C 390 14.31 -6.41 36.37
C PHE C 390 14.69 -7.42 35.28
N TRP C 391 14.75 -8.71 35.61
CA TRP C 391 15.11 -9.71 34.60
C TRP C 391 14.04 -9.85 33.53
N LEU C 392 12.78 -9.75 33.94
CA LEU C 392 11.64 -9.83 33.04
C LEU C 392 11.62 -8.64 32.08
N MET C 393 11.61 -7.42 32.61
CA MET C 393 11.73 -6.25 31.74
C MET C 393 12.97 -6.28 30.86
N THR C 394 14.10 -6.64 31.42
CA THR C 394 15.31 -6.56 30.63
C THR C 394 15.40 -7.63 29.54
N VAL C 395 15.11 -8.89 29.88
CA VAL C 395 15.13 -9.97 28.90
C VAL C 395 14.07 -9.71 27.81
N ALA C 396 12.88 -9.27 28.23
CA ALA C 396 11.82 -9.02 27.27
C ALA C 396 12.29 -8.00 26.20
N MET C 397 12.95 -6.94 26.67
CA MET C 397 13.46 -5.92 25.79
C MET C 397 14.55 -6.46 24.84
N VAL C 398 15.49 -7.28 25.31
CA VAL C 398 16.40 -7.89 24.31
C VAL C 398 15.62 -8.66 23.22
N PHE C 399 14.55 -9.33 23.64
CA PHE C 399 13.76 -10.08 22.67
C PHE C 399 13.04 -9.11 21.73
N ILE C 400 12.39 -8.07 22.28
CA ILE C 400 11.76 -7.03 21.45
C ILE C 400 12.75 -6.54 20.40
N THR C 401 13.98 -6.28 20.82
CA THR C 401 14.92 -5.74 19.87
C THR C 401 15.47 -6.79 18.91
N LEU C 402 15.60 -8.05 19.35
CA LEU C 402 16.00 -9.12 18.42
C LEU C 402 14.96 -9.40 17.33
N PHE C 403 13.67 -9.39 17.70
CA PHE C 403 12.60 -9.61 16.72
C PHE C 403 12.47 -8.50 15.70
N LEU C 404 12.52 -7.24 16.18
CA LEU C 404 12.52 -6.06 15.35
C LEU C 404 13.79 -5.98 14.48
N SER C 405 14.90 -6.48 15.02
CA SER C 405 16.12 -6.61 14.24
C SER C 405 15.96 -7.60 13.09
N ALA C 406 15.40 -8.77 13.37
CA ALA C 406 15.13 -9.76 12.31
C ALA C 406 14.19 -9.14 11.26
N ALA C 407 13.11 -8.47 11.72
CA ALA C 407 12.17 -7.76 10.86
C ALA C 407 12.87 -6.79 9.94
N GLY C 408 13.75 -5.96 10.50
CA GLY C 408 14.47 -4.96 9.72
C GLY C 408 15.44 -5.55 8.72
N VAL C 409 16.03 -6.68 9.08
CA VAL C 409 16.91 -7.37 8.15
C VAL C 409 16.10 -7.84 6.94
N LEU C 410 15.00 -8.57 7.17
CA LEU C 410 14.11 -9.00 6.05
C LEU C 410 13.53 -7.77 5.30
N GLN C 411 13.09 -6.74 6.04
CA GLN C 411 12.63 -5.53 5.37
C GLN C 411 13.68 -4.97 4.41
N VAL C 412 14.93 -4.88 4.84
CA VAL C 412 16.00 -4.36 3.98
C VAL C 412 16.31 -5.26 2.79
N TRP C 413 16.33 -6.55 3.07
CA TRP C 413 16.51 -7.58 2.05
C TRP C 413 15.40 -7.49 0.99
N LEU C 414 14.14 -7.39 1.40
CA LEU C 414 13.03 -7.47 0.41
C LEU C 414 12.74 -6.17 -0.32
N GLN C 415 12.87 -5.07 0.41
CA GLN C 415 12.41 -3.78 -0.04
C GLN C 415 13.57 -2.88 -0.47
N ARG C 416 14.68 -2.91 0.25
CA ARG C 416 15.73 -1.91 0.03
C ARG C 416 16.86 -2.29 -0.93
N MET C 417 17.29 -3.54 -0.86
CA MET C 417 18.33 -4.10 -1.74
C MET C 417 18.03 -4.22 -3.24
N PRO C 418 16.89 -4.85 -3.63
CA PRO C 418 16.79 -5.08 -5.09
C PRO C 418 16.47 -3.83 -5.89
N ALA C 419 16.62 -3.91 -7.20
CA ALA C 419 16.24 -2.82 -8.10
C ALA C 419 14.71 -2.68 -8.30
N ASP C 420 14.33 -1.55 -8.89
CA ASP C 420 12.99 -1.29 -9.33
C ASP C 420 12.49 -2.50 -10.13
N GLY C 421 11.29 -2.99 -9.80
CA GLY C 421 10.72 -4.21 -10.41
C GLY C 421 10.90 -5.44 -9.50
N ALA C 422 12.12 -5.62 -8.98
CA ALA C 422 12.47 -6.74 -8.14
C ALA C 422 12.18 -6.45 -6.66
N ALA C 423 12.34 -5.22 -6.23
CA ALA C 423 12.05 -4.84 -4.87
C ALA C 423 10.54 -4.98 -4.58
N MET C 424 10.22 -5.56 -3.42
CA MET C 424 8.88 -5.68 -2.88
C MET C 424 8.29 -4.33 -2.39
N THR C 425 6.97 -4.14 -2.46
CA THR C 425 6.39 -2.85 -2.04
C THR C 425 6.31 -2.80 -0.53
N PHE C 426 6.25 -1.59 0.03
CA PHE C 426 6.08 -1.46 1.47
C PHE C 426 5.06 -2.41 2.09
N MET C 427 3.80 -2.35 1.65
CA MET C 427 2.75 -3.15 2.29
C MET C 427 2.96 -4.63 2.15
N ALA C 428 3.43 -5.05 0.97
CA ALA C 428 3.75 -6.47 0.76
C ALA C 428 4.89 -6.92 1.69
N THR C 429 5.91 -6.07 1.84
CA THR C 429 7.05 -6.41 2.70
C THR C 429 6.54 -6.63 4.14
N GLN C 430 5.72 -5.69 4.62
CA GLN C 430 5.10 -5.80 5.96
C GLN C 430 4.34 -7.10 6.21
N ASP C 431 3.56 -7.57 5.25
CA ASP C 431 2.95 -8.86 5.43
C ASP C 431 3.99 -9.96 5.66
N GLN C 432 5.10 -9.94 4.93
CA GLN C 432 6.16 -10.94 5.12
C GLN C 432 6.77 -10.86 6.52
N LEU C 433 6.66 -9.70 7.16
CA LEU C 433 7.29 -9.48 8.46
C LEU C 433 6.43 -9.91 9.65
N ALA C 434 5.20 -10.33 9.34
CA ALA C 434 4.11 -10.58 10.31
C ALA C 434 4.52 -11.37 11.53
N ILE C 435 5.20 -12.48 11.33
CA ILE C 435 5.61 -13.34 12.41
C ILE C 435 6.51 -12.62 13.42
N PHE C 436 7.44 -11.80 12.92
CA PHE C 436 8.34 -11.03 13.79
C PHE C 436 7.54 -10.04 14.62
N TYR C 437 6.47 -9.52 14.04
CA TYR C 437 5.62 -8.58 14.77
C TYR C 437 4.77 -9.28 15.84
N TRP C 438 4.27 -10.50 15.57
CA TRP C 438 3.58 -11.31 16.63
C TRP C 438 4.50 -11.60 17.83
N LEU C 439 5.70 -12.10 17.52
CA LEU C 439 6.69 -12.36 18.55
C LEU C 439 6.97 -11.11 19.38
N ARG C 440 7.18 -9.94 18.72
CA ARG C 440 7.45 -8.68 19.44
C ARG C 440 6.29 -8.38 20.37
N GLU C 441 5.07 -8.58 19.88
CA GLU C 441 3.90 -8.40 20.73
C GLU C 441 3.92 -9.35 21.95
N GLY C 442 4.19 -10.63 21.73
CA GLY C 442 4.39 -11.57 22.86
C GLY C 442 5.44 -11.03 23.85
N ALA C 443 6.61 -10.65 23.34
CA ALA C 443 7.65 -10.08 24.20
C ALA C 443 7.12 -8.86 24.95
N GLY C 444 6.39 -8.00 24.25
CA GLY C 444 5.78 -6.85 24.88
C GLY C 444 4.87 -7.27 26.03
N VAL C 445 4.29 -8.47 25.95
CA VAL C 445 3.43 -8.96 27.02
C VAL C 445 4.31 -9.37 28.25
N VAL C 446 5.42 -10.07 28.00
CA VAL C 446 6.34 -10.47 29.07
C VAL C 446 6.87 -9.21 29.77
N PHE C 447 7.03 -8.13 29.01
CA PHE C 447 7.53 -6.90 29.56
C PHE C 447 6.56 -6.24 30.53
N LEU C 448 5.28 -6.13 30.16
CA LEU C 448 4.27 -5.60 31.06
C LEU C 448 4.28 -6.41 32.36
N ILE C 449 4.38 -7.73 32.21
CA ILE C 449 4.38 -8.63 33.36
C ILE C 449 5.56 -8.29 34.28
N GLY C 450 6.73 -8.05 33.69
CA GLY C 450 7.89 -7.54 34.43
C GLY C 450 7.62 -6.21 35.10
N LEU C 451 7.05 -5.25 34.38
CA LEU C 451 6.71 -3.94 34.96
C LEU C 451 5.73 -4.04 36.14
N VAL C 452 4.76 -4.97 36.04
CA VAL C 452 3.78 -5.22 37.12
C VAL C 452 4.53 -5.86 38.30
N ALA C 453 5.33 -6.88 38.01
CA ALA C 453 6.21 -7.51 39.00
C ALA C 453 7.11 -6.49 39.71
N TYR C 454 7.73 -5.59 38.95
CA TYR C 454 8.52 -4.50 39.54
C TYR C 454 7.67 -3.59 40.40
N LEU C 455 6.54 -3.14 39.86
CA LEU C 455 5.60 -2.33 40.63
C LEU C 455 5.10 -3.01 41.92
N LEU C 456 4.80 -4.31 41.87
CA LEU C 456 4.31 -5.03 43.06
C LEU C 456 5.42 -5.27 44.11
N SER C 457 6.62 -4.78 43.85
CA SER C 457 7.69 -4.87 44.84
C SER C 457 7.64 -3.73 45.86
N PHE C 458 6.75 -2.76 45.65
CA PHE C 458 6.64 -1.59 46.53
C PHE C 458 5.56 -1.73 47.60
N PHE D 5 47.35 11.09 36.13
CA PHE D 5 46.02 11.50 35.57
C PHE D 5 45.03 11.90 36.68
N THR D 6 44.65 13.18 36.70
CA THR D 6 43.79 13.73 37.76
C THR D 6 42.38 14.16 37.31
N LYS D 7 41.51 14.42 38.30
CA LYS D 7 40.17 14.99 38.10
C LYS D 7 40.25 16.29 37.28
N GLY D 8 41.15 17.18 37.73
CA GLY D 8 41.41 18.46 37.11
C GLY D 8 41.74 18.32 35.64
N MET D 9 42.65 17.39 35.30
CA MET D 9 43.00 17.09 33.90
C MET D 9 41.77 16.67 33.11
N ALA D 10 40.97 15.79 33.71
CA ALA D 10 39.78 15.27 33.06
C ALA D 10 38.77 16.40 32.83
N ARG D 11 38.58 17.26 33.83
CA ARG D 11 37.63 18.36 33.67
C ARG D 11 38.02 19.36 32.58
N ASN D 12 39.31 19.63 32.41
CA ASN D 12 39.75 20.54 31.34
C ASN D 12 39.63 19.94 29.95
N ILE D 13 39.84 18.63 29.83
CA ILE D 13 39.56 17.91 28.59
C ILE D 13 38.08 18.05 28.23
N TYR D 14 37.21 17.74 29.20
CA TYR D 14 35.78 18.02 29.06
C TYR D 14 35.51 19.46 28.63
N PHE D 15 36.09 20.45 29.31
CA PHE D 15 35.88 21.86 28.95
C PHE D 15 36.31 22.18 27.52
N GLY D 16 37.59 21.93 27.21
CA GLY D 16 38.16 22.30 25.92
C GLY D 16 37.54 21.57 24.73
N GLY D 17 37.44 20.25 24.85
CA GLY D 17 36.81 19.41 23.84
C GLY D 17 35.44 19.94 23.49
N SER D 18 34.64 20.23 24.50
CA SER D 18 33.25 20.59 24.21
C SER D 18 33.12 22.00 23.59
N VAL D 19 33.93 22.95 24.04
CA VAL D 19 33.91 24.29 23.41
C VAL D 19 34.40 24.23 21.96
N PHE D 20 35.54 23.56 21.75
CA PHE D 20 36.08 23.36 20.40
C PHE D 20 35.00 22.74 19.47
N PHE D 21 34.46 21.59 19.86
CA PHE D 21 33.51 20.94 18.98
C PHE D 21 32.17 21.70 18.86
N ILE D 22 31.73 22.37 19.93
CA ILE D 22 30.57 23.28 19.81
C ILE D 22 30.85 24.27 18.67
N LEU D 23 32.04 24.91 18.69
CA LEU D 23 32.45 25.87 17.63
C LEU D 23 32.64 25.22 16.24
N LEU D 24 33.28 24.04 16.16
CA LEU D 24 33.40 23.35 14.88
C LEU D 24 31.99 23.19 14.29
N PHE D 25 31.07 22.71 15.12
CA PHE D 25 29.72 22.34 14.69
C PHE D 25 28.94 23.53 14.16
N LEU D 26 29.11 24.70 14.80
CA LEU D 26 28.41 25.91 14.38
C LEU D 26 28.91 26.44 13.01
N ALA D 27 30.23 26.37 12.81
CA ALA D 27 30.86 26.72 11.54
C ALA D 27 30.30 25.82 10.40
N LEU D 28 30.29 24.51 10.63
CA LEU D 28 29.66 23.56 9.71
C LEU D 28 28.18 23.89 9.48
N THR D 29 27.46 24.14 10.57
CA THR D 29 26.07 24.60 10.45
C THR D 29 25.95 25.79 9.51
N TYR D 30 26.66 26.89 9.82
CA TYR D 30 26.67 28.10 8.99
C TYR D 30 26.88 27.78 7.51
N HIS D 31 27.92 26.99 7.19
CA HIS D 31 28.21 26.53 5.83
C HIS D 31 27.04 25.79 5.18
N THR D 32 26.69 24.64 5.76
CA THR D 32 25.51 23.88 5.36
C THR D 32 24.34 24.81 5.05
N GLU D 33 24.08 25.74 5.96
CA GLU D 33 22.95 26.64 5.81
C GLU D 33 22.99 27.41 4.47
N LYS D 34 24.19 27.85 4.07
CA LYS D 34 24.34 28.61 2.81
C LYS D 34 24.14 27.79 1.54
N THR D 35 24.24 26.45 1.65
CA THR D 35 24.11 25.56 0.50
C THR D 35 22.65 25.17 0.23
N LEU D 36 21.78 25.46 1.19
CA LEU D 36 20.41 24.91 1.18
C LEU D 36 19.50 25.44 0.07
N PRO D 37 19.54 26.76 -0.24
CA PRO D 37 18.84 27.27 -1.42
C PRO D 37 18.98 26.38 -2.66
N GLU D 38 20.21 26.02 -3.05
CA GLU D 38 20.43 25.11 -4.20
C GLU D 38 20.00 23.63 -3.97
N ARG D 39 20.55 22.99 -2.93
CA ARG D 39 20.27 21.58 -2.61
C ARG D 39 18.77 21.27 -2.53
N THR D 40 17.99 22.19 -1.97
CA THR D 40 16.59 21.94 -1.73
C THR D 40 15.71 22.59 -2.77
N ASN D 41 16.34 23.27 -3.74
CA ASN D 41 15.64 24.10 -4.75
C ASN D 41 14.59 25.05 -4.15
N GLU D 42 15.04 25.92 -3.23
CA GLU D 42 14.17 26.90 -2.57
C GLU D 42 13.45 27.87 -3.53
N ALA D 43 13.95 28.00 -4.77
CA ALA D 43 13.25 28.74 -5.82
C ALA D 43 11.83 28.19 -6.01
N ALA D 44 11.72 26.87 -6.17
CA ALA D 44 10.42 26.19 -6.32
C ALA D 44 9.53 26.14 -5.05
N MET D 45 10.09 26.49 -3.89
CA MET D 45 9.38 26.35 -2.63
C MET D 45 8.21 27.33 -2.48
N SER D 46 7.16 27.10 -3.28
CA SER D 46 6.06 28.06 -3.47
C SER D 46 5.16 28.21 -2.24
N ALA D 47 4.22 29.16 -2.29
CA ALA D 47 3.23 29.33 -1.22
C ALA D 47 2.44 28.03 -1.08
N ALA D 48 2.21 27.36 -2.21
CA ALA D 48 1.48 26.11 -2.22
C ALA D 48 2.24 25.06 -1.41
N VAL D 49 3.54 24.88 -1.68
CA VAL D 49 4.27 23.87 -0.91
C VAL D 49 4.38 24.19 0.58
N VAL D 50 4.48 25.47 0.92
CA VAL D 50 4.60 25.87 2.33
C VAL D 50 3.27 25.63 3.03
N ARG D 51 2.16 25.82 2.31
CA ARG D 51 0.87 25.45 2.86
C ARG D 51 0.72 23.93 2.99
N GLY D 52 1.31 23.19 2.05
CA GLY D 52 1.31 21.74 2.10
C GLY D 52 2.00 21.21 3.35
N LYS D 53 3.15 21.82 3.66
CA LYS D 53 3.87 21.47 4.87
C LYS D 53 2.97 21.62 6.07
N LEU D 54 2.19 22.70 6.09
CA LEU D 54 1.22 22.90 7.18
C LEU D 54 0.16 21.80 7.30
N VAL D 55 -0.44 21.42 6.16
CA VAL D 55 -1.39 20.30 6.10
C VAL D 55 -0.74 19.03 6.58
N TRP D 56 0.47 18.76 6.08
CA TRP D 56 1.24 17.60 6.53
C TRP D 56 1.36 17.57 8.06
N GLU D 57 1.66 18.73 8.66
CA GLU D 57 1.78 18.86 10.11
C GLU D 57 0.45 18.79 10.82
N GLN D 58 -0.51 19.55 10.33
CA GLN D 58 -1.80 19.59 10.97
C GLN D 58 -2.51 18.25 11.07
N ASN D 59 -2.14 17.29 10.22
CA ASN D 59 -2.80 15.97 10.25
C ASN D 59 -1.92 14.80 10.72
N ASN D 60 -0.71 15.16 11.14
CA ASN D 60 0.24 14.21 11.69
C ASN D 60 0.51 13.01 10.74
N CYS D 61 0.67 13.28 9.46
CA CYS D 61 1.04 12.21 8.56
C CYS D 61 2.25 11.42 9.06
N VAL D 62 3.17 12.13 9.71
CA VAL D 62 4.45 11.61 10.15
C VAL D 62 4.28 10.62 11.30
N GLY D 63 3.07 10.56 11.88
CA GLY D 63 2.75 9.60 12.93
C GLY D 63 2.45 8.23 12.35
N CYS D 64 2.39 8.15 11.00
CA CYS D 64 2.24 6.86 10.33
C CYS D 64 3.29 6.61 9.25
N HIS D 65 3.75 7.68 8.59
CA HIS D 65 4.61 7.59 7.43
C HIS D 65 6.04 8.07 7.74
N THR D 66 7.02 7.70 6.90
CA THR D 66 8.30 8.40 6.90
C THR D 66 8.30 9.44 5.78
N LEU D 67 9.07 10.52 5.97
CA LEU D 67 9.33 11.52 4.93
C LEU D 67 10.83 11.66 4.91
N LEU D 68 11.46 11.35 3.78
CA LEU D 68 12.91 11.31 3.70
C LEU D 68 13.43 10.34 4.73
N GLY D 69 12.66 9.29 5.01
CA GLY D 69 13.11 8.24 5.91
C GLY D 69 12.96 8.52 7.39
N GLU D 70 12.37 9.66 7.75
CA GLU D 70 12.14 9.96 9.16
C GLU D 70 10.67 9.95 9.45
N GLY D 71 10.27 9.47 10.63
CA GLY D 71 8.85 9.48 11.05
C GLY D 71 8.44 8.14 11.61
N ALA D 72 7.26 7.66 11.24
CA ALA D 72 6.74 6.38 11.75
C ALA D 72 6.88 5.25 10.71
N TYR D 73 6.82 3.99 11.12
CA TYR D 73 7.17 2.88 10.19
C TYR D 73 5.93 2.03 9.88
N PHE D 74 4.75 2.62 10.06
CA PHE D 74 3.50 1.90 9.94
C PHE D 74 3.04 1.87 8.49
N ALA D 75 3.43 2.90 7.73
CA ALA D 75 2.90 3.16 6.40
C ALA D 75 4.09 3.60 5.51
N PRO D 76 3.89 3.69 4.18
CA PRO D 76 5.00 3.91 3.26
C PRO D 76 5.70 5.25 3.33
N GLU D 77 6.93 5.24 2.84
CA GLU D 77 7.76 6.43 2.58
C GLU D 77 7.09 7.32 1.55
N LEU D 78 6.82 8.57 1.91
CA LEU D 78 6.07 9.48 1.01
C LEU D 78 6.97 10.46 0.27
N GLY D 79 8.26 10.41 0.59
CA GLY D 79 9.23 11.26 -0.07
C GLY D 79 9.30 11.00 -1.56
N ASN D 80 8.99 9.78 -2.00
CA ASN D 80 9.16 9.46 -3.39
C ASN D 80 7.91 8.82 -3.92
N VAL D 81 6.80 9.09 -3.25
CA VAL D 81 5.52 8.48 -3.63
C VAL D 81 5.09 8.94 -5.03
N VAL D 82 5.49 10.16 -5.39
CA VAL D 82 5.18 10.77 -6.69
C VAL D 82 5.52 9.81 -7.82
N GLY D 83 6.65 9.14 -7.71
CA GLY D 83 7.15 8.30 -8.78
C GLY D 83 6.51 6.93 -8.87
N ARG D 84 5.70 6.58 -7.89
CA ARG D 84 5.10 5.27 -7.79
C ARG D 84 3.57 5.42 -8.04
N ARG D 85 3.11 6.67 -8.19
CA ARG D 85 1.66 6.96 -8.42
C ARG D 85 1.32 7.95 -9.58
N GLY D 86 2.08 7.92 -10.68
CA GLY D 86 1.76 8.71 -11.89
C GLY D 86 2.52 10.01 -12.10
N GLY D 87 3.72 10.11 -11.51
CA GLY D 87 4.68 11.16 -11.82
C GLY D 87 4.24 12.59 -11.65
N GLU D 88 5.08 13.50 -12.14
CA GLU D 88 4.76 14.92 -12.24
C GLU D 88 3.32 15.18 -12.67
N GLU D 89 3.03 14.76 -13.91
CA GLU D 89 1.79 15.07 -14.61
C GLU D 89 0.50 14.75 -13.80
N GLY D 90 0.30 13.49 -13.41
CA GLY D 90 -0.98 13.08 -12.83
C GLY D 90 -1.08 12.90 -11.31
N PHE D 91 0.00 13.20 -10.58
CA PHE D 91 0.02 12.94 -9.12
C PHE D 91 -1.02 13.70 -8.30
N ASN D 92 -1.24 14.97 -8.61
CA ASN D 92 -2.26 15.78 -7.93
C ASN D 92 -3.67 15.17 -8.04
N THR D 93 -4.02 14.75 -9.25
CA THR D 93 -5.27 14.07 -9.47
C THR D 93 -5.37 12.75 -8.68
N PHE D 94 -4.28 11.99 -8.62
CA PHE D 94 -4.29 10.78 -7.83
C PHE D 94 -4.52 11.07 -6.35
N LEU D 95 -3.84 12.10 -5.87
CA LEU D 95 -3.88 12.39 -4.44
C LEU D 95 -5.28 12.80 -4.05
N GLN D 96 -5.92 13.62 -4.89
CA GLN D 96 -7.33 14.01 -4.66
C GLN D 96 -8.18 12.77 -4.53
N ALA D 97 -8.00 11.77 -5.40
CA ALA D 97 -8.80 10.56 -5.26
C ALA D 97 -8.36 9.84 -3.97
N TRP D 98 -7.04 9.75 -3.75
CA TRP D 98 -6.48 9.00 -2.60
C TRP D 98 -7.01 9.46 -1.23
N MET D 99 -7.13 10.76 -1.04
CA MET D 99 -7.62 11.28 0.23
C MET D 99 -9.14 11.10 0.41
N LYS D 100 -9.90 11.17 -0.69
CA LYS D 100 -11.35 10.97 -0.62
C LYS D 100 -11.77 9.56 -0.24
N ILE D 101 -11.01 8.55 -0.69
CA ILE D 101 -11.50 7.15 -0.66
C ILE D 101 -11.22 6.44 0.67
N GLN D 102 -10.49 7.12 1.55
CA GLN D 102 -10.06 6.57 2.82
C GLN D 102 -11.23 6.54 3.75
N PRO D 103 -11.28 5.55 4.65
CA PRO D 103 -10.37 4.40 4.71
C PRO D 103 -10.86 3.35 3.70
N LEU D 104 -9.96 2.48 3.25
CA LEU D 104 -10.27 1.49 2.26
C LEU D 104 -11.13 0.33 2.79
N ASN D 105 -11.15 0.16 4.11
CA ASN D 105 -11.91 -0.91 4.75
C ASN D 105 -11.57 -2.33 4.30
N VAL D 106 -10.31 -2.62 4.02
CA VAL D 106 -10.02 -4.02 3.77
C VAL D 106 -9.79 -4.70 5.10
N PRO D 107 -10.53 -5.77 5.35
CA PRO D 107 -10.48 -6.41 6.67
C PRO D 107 -9.07 -6.82 7.04
N GLY D 108 -8.64 -6.36 8.21
CA GLY D 108 -7.32 -6.67 8.72
C GLY D 108 -6.17 -5.83 8.17
N ARG D 109 -6.44 -4.93 7.23
CA ARG D 109 -5.36 -4.19 6.61
C ARG D 109 -5.09 -2.89 7.41
N ARG D 110 -3.84 -2.47 7.44
CA ARG D 110 -3.52 -1.18 8.04
C ARG D 110 -4.36 -0.08 7.41
N ALA D 111 -5.08 0.65 8.27
CA ALA D 111 -6.03 1.67 7.83
C ALA D 111 -5.47 3.11 7.92
N MET D 112 -5.78 3.92 6.90
CA MET D 112 -5.51 5.34 6.89
C MET D 112 -6.81 6.13 7.15
N PRO D 113 -6.72 7.26 7.86
CA PRO D 113 -7.96 7.99 8.17
C PRO D 113 -8.52 8.85 7.03
N GLN D 114 -9.79 9.18 7.15
CA GLN D 114 -10.42 10.19 6.31
C GLN D 114 -10.17 11.55 6.96
N PHE D 115 -9.52 12.45 6.24
CA PHE D 115 -9.15 13.72 6.87
C PHE D 115 -10.09 14.86 6.48
N HIS D 116 -11.07 14.56 5.62
CA HIS D 116 -12.07 15.57 5.21
C HIS D 116 -11.35 16.86 4.78
N LEU D 117 -10.29 16.71 4.00
CA LEU D 117 -9.50 17.82 3.46
C LEU D 117 -10.24 18.46 2.30
N SER D 118 -10.13 19.78 2.16
CA SER D 118 -10.71 20.46 0.99
C SER D 118 -9.77 20.19 -0.15
N GLU D 119 -10.19 20.48 -1.39
CA GLU D 119 -9.28 20.27 -2.51
C GLU D 119 -8.14 21.26 -2.63
N GLY D 120 -8.30 22.47 -2.08
CA GLY D 120 -7.18 23.41 -2.01
C GLY D 120 -6.06 22.78 -1.21
N GLN D 121 -6.43 22.37 0.02
CA GLN D 121 -5.54 21.67 0.96
C GLN D 121 -4.84 20.43 0.31
N VAL D 122 -5.59 19.59 -0.39
CA VAL D 122 -4.98 18.40 -0.96
C VAL D 122 -4.01 18.78 -2.07
N ASP D 123 -4.34 19.84 -2.77
CA ASP D 123 -3.47 20.32 -3.84
C ASP D 123 -2.17 20.89 -3.27
N ASP D 124 -2.28 21.62 -2.16
CA ASP D 124 -1.10 22.15 -1.51
C ASP D 124 -0.21 20.99 -1.01
N LEU D 125 -0.85 19.96 -0.44
CA LEU D 125 -0.16 18.73 -0.05
C LEU D 125 0.62 18.12 -1.18
N ALA D 126 -0.03 17.98 -2.34
CA ALA D 126 0.61 17.34 -3.48
C ALA D 126 1.84 18.11 -3.94
N GLU D 127 1.73 19.45 -3.98
CA GLU D 127 2.85 20.34 -4.36
C GLU D 127 4.01 20.18 -3.39
N PHE D 128 3.69 20.14 -2.10
CA PHE D 128 4.66 19.84 -1.07
C PHE D 128 5.36 18.49 -1.29
N LEU D 129 4.61 17.42 -1.51
CA LEU D 129 5.22 16.11 -1.71
C LEU D 129 6.06 16.08 -2.97
N LYS D 130 5.51 16.61 -4.07
CA LYS D 130 6.25 16.73 -5.32
C LYS D 130 7.58 17.44 -5.11
N TRP D 131 7.57 18.53 -4.34
CA TRP D 131 8.77 19.32 -4.16
C TRP D 131 9.77 18.56 -3.28
N SER D 132 9.28 17.96 -2.20
CA SER D 132 10.09 17.11 -1.34
C SER D 132 10.92 16.07 -2.10
N SER D 133 10.35 15.52 -3.16
CA SER D 133 10.98 14.40 -3.88
C SER D 133 12.14 14.88 -4.69
N LYS D 134 12.22 16.20 -4.84
CA LYS D 134 13.24 16.79 -5.67
C LYS D 134 14.42 17.38 -4.86
N ILE D 135 14.41 17.19 -3.54
CA ILE D 135 15.51 17.59 -2.69
C ILE D 135 16.74 16.71 -2.93
N ASP D 136 17.91 17.33 -3.05
CA ASP D 136 19.15 16.55 -3.17
C ASP D 136 19.45 15.88 -1.84
N THR D 137 19.35 14.57 -1.86
CA THR D 137 19.15 13.80 -0.65
C THR D 137 20.28 12.78 -0.68
N ASN D 138 21.30 13.11 -1.46
CA ASN D 138 22.42 12.22 -1.76
C ASN D 138 21.95 10.85 -2.28
N GLN D 139 20.92 10.88 -3.13
CA GLN D 139 20.40 9.71 -3.85
C GLN D 139 19.61 8.73 -2.98
N TRP D 140 19.12 9.19 -1.81
CA TRP D 140 18.23 8.39 -0.96
C TRP D 140 16.76 8.54 -1.42
N PRO D 141 15.95 7.46 -1.40
CA PRO D 141 16.15 6.06 -1.05
C PRO D 141 16.78 5.28 -2.18
N PRO D 142 17.18 4.02 -1.90
CA PRO D 142 17.79 3.09 -2.85
C PRO D 142 16.98 2.88 -4.14
N ASN D 143 15.66 2.73 -4.02
CA ASN D 143 14.79 2.50 -5.17
C ASN D 143 13.40 3.15 -5.02
N LYS D 144 12.55 2.98 -6.03
CA LYS D 144 11.18 3.56 -6.09
C LYS D 144 10.21 3.14 -4.95
N GLU D 145 10.54 2.09 -4.19
CA GLU D 145 9.65 1.64 -3.12
C GLU D 145 9.79 2.47 -1.83
N GLY D 146 10.81 3.33 -1.77
CA GLY D 146 11.11 4.04 -0.54
C GLY D 146 11.57 3.10 0.56
#